data_3ZJV
#
_entry.id   3ZJV
#
_cell.length_a   89.370
_cell.length_b   76.940
_cell.length_c   90.710
_cell.angle_alpha   90.00
_cell.angle_beta   102.37
_cell.angle_gamma   90.00
#
_symmetry.space_group_name_H-M   'P 1 21 1'
#
loop_
_entity.id
_entity.type
_entity.pdbx_description
1 polymer 'LEUCINE--TRNA LIGASE'
2 polymer 'TRNALEU5 UAA ISOACCEPTOR'
3 water water
#
loop_
_entity_poly.entity_id
_entity_poly.type
_entity_poly.pdbx_seq_one_letter_code
_entity_poly.pdbx_strand_id
1 'polypeptide(L)'
;MGSSHHHHHHSSGLVPRGSHMQEQYRPEEIESKVQLHWDEKRTFEVTEDESKEKYYCLSMLPYPSGRLHMGHVRNYTIGD
VIARYQRMLGKNVLQPIGWDAFGLPAEGAAVKNNTAPAPWTYDNIAYMKNQLKMLGFGYDWSRELATCTPEYYRWEQKFF
TELYKKGLVYKKTSAVNWCPNDQTVLANEQVIDGCCWRCDTKVERKEIPQWFIKITAYADELLNDLDKLDHWPDTVKTMQ
RNWIGRSEGVEITFNVNDYDNTLTVYTTRPDTFMGCTYLAVAAGHPLAQKAAENNPELAAFIDECRNTKVAEAEMATMEK
KGVDTGFKAVHPLTGEEIPVWAANFVLMEYGTGAVMAVPGHDQRDYEFASKYGLNIKPVILAADGSEPDLSQQALTEKGV
LFNSGEFNGLDHEAAFNAIADKLTAMGVGERKVNYRLRDWGVSRQRYWGAPIPMVTLEDGTVMPTPDDQLPVILPEDVVM
DGITSPIKADPEWAKTTVNGMPALRETDTFDTFMESSWYYARYTCPQYKEGMLDSEAANYWLPVDIYIGGIEHAIMHLLY
FRFFHKLMRDAGMVNSDEPAKQLLCQGMVLADAFYYVGENGERNWVSPVDAIVERDEKGRIVKAKDAAGHELVYTGMSKM
SKSKNNGIDPQVMVERYGADTVRLFMMFASPADMTLEWQESGVEGANRFLKRVWKLVYEHTAKGDVAALNVDALTENQKA
LRRDVHKTIAKVTDDIGRRQTFNTAIAAIMELMNKLAKAPTDGEQDRALMQEALLAVVRMLNPFTPHICFTLWQELKGEG
DIDNAPWPVADEKAMVEDSTLVVVQVNGKVRAKITVPVDATEEQVRERAGQEHLVAKYLDGVTVRKVIYVPGKLLNLVVG
;
A
2 'polyribonucleotide'
;GCCCGGAUGGUGGAAUCGGUAGACACAAGGGAUUUAAAAUCCCUCGGCGUUCGCGCUGUGCGGGUUCAAGUCCCGCUCCG
GGUACC(365)
;
B
#
loop_
_chem_comp.id
_chem_comp.type
_chem_comp.name
_chem_comp.formula
365 non-polymer '[(1S,5R,6R,7'S,8R)-7'-(aminomethyl)-6-(6-aminopurin-9-yl)-2'-(3-oxidanylpropoxy)spiro[2,4,7-trioxa-3-boranuidabicyclo[3.3.0]octane-3,9'-8-oxa-9-boranuidabicyclo[4.3.0]nona-1(6),2,4-triene]-8-yl]methyl dihydrogen phosphate' 'C21 H27 B N6 O10 P -1'
A RNA linking ADENOSINE-5'-MONOPHOSPHATE 'C10 H14 N5 O7 P'
C RNA linking CYTIDINE-5'-MONOPHOSPHATE 'C9 H14 N3 O8 P'
G RNA linking GUANOSINE-5'-MONOPHOSPHATE 'C10 H14 N5 O8 P'
U RNA linking URIDINE-5'-MONOPHOSPHATE 'C9 H13 N2 O9 P'
#
# COMPACT_ATOMS: atom_id res chain seq x y z
N MET A 21 -42.85 -12.04 -4.81
CA MET A 21 -41.44 -12.39 -4.47
C MET A 21 -41.22 -13.88 -4.75
N GLN A 22 -40.16 -14.19 -5.50
CA GLN A 22 -39.73 -15.58 -5.73
C GLN A 22 -39.30 -16.22 -4.42
N GLU A 23 -39.53 -17.53 -4.29
CA GLU A 23 -39.10 -18.23 -3.09
C GLU A 23 -37.60 -18.43 -3.04
N GLN A 24 -37.01 -18.76 -4.19
CA GLN A 24 -35.56 -19.04 -4.25
C GLN A 24 -34.75 -17.82 -4.67
N TYR A 25 -33.69 -17.56 -3.91
CA TYR A 25 -32.70 -16.54 -4.22
C TYR A 25 -31.87 -16.99 -5.41
N ARG A 26 -31.94 -16.24 -6.51
CA ARG A 26 -31.18 -16.58 -7.71
C ARG A 26 -30.42 -15.35 -8.19
N PRO A 27 -29.13 -15.27 -7.86
CA PRO A 27 -28.36 -14.08 -8.23
C PRO A 27 -28.34 -13.83 -9.72
N GLU A 28 -28.37 -14.88 -10.53
CA GLU A 28 -28.37 -14.72 -11.98
C GLU A 28 -29.59 -13.97 -12.50
N GLU A 29 -30.69 -13.99 -11.74
CA GLU A 29 -31.90 -13.22 -12.08
C GLU A 29 -31.97 -11.83 -11.42
N ILE A 30 -30.97 -11.46 -10.65
CA ILE A 30 -31.03 -10.23 -9.86
C ILE A 30 -29.89 -9.26 -10.21
N GLU A 31 -28.67 -9.79 -10.27
CA GLU A 31 -27.50 -8.94 -10.21
C GLU A 31 -27.34 -8.07 -11.47
N SER A 32 -27.55 -8.67 -12.64
CA SER A 32 -27.30 -7.95 -13.87
C SER A 32 -28.38 -6.91 -14.13
N LYS A 33 -29.58 -7.14 -13.62
CA LYS A 33 -30.66 -6.15 -13.69
C LYS A 33 -30.40 -4.98 -12.75
N VAL A 34 -29.97 -5.26 -11.52
CA VAL A 34 -29.61 -4.18 -10.59
C VAL A 34 -28.40 -3.37 -11.11
N GLN A 35 -27.42 -4.03 -11.70
CA GLN A 35 -26.28 -3.33 -12.29
C GLN A 35 -26.72 -2.41 -13.45
N LEU A 36 -27.58 -2.91 -14.35
CA LEU A 36 -28.18 -2.04 -15.38
C LEU A 36 -28.83 -0.83 -14.75
N HIS A 37 -29.65 -1.05 -13.70
CA HIS A 37 -30.31 0.05 -13.02
C HIS A 37 -29.32 1.16 -12.60
N TRP A 38 -28.23 0.77 -11.96
CA TRP A 38 -27.19 1.70 -11.52
C TRP A 38 -26.57 2.51 -12.66
N ASP A 39 -26.43 1.87 -13.82
CA ASP A 39 -26.01 2.58 -15.03
C ASP A 39 -27.08 3.57 -15.54
N GLU A 40 -28.32 3.13 -15.62
CA GLU A 40 -29.38 3.95 -16.21
C GLU A 40 -29.69 5.16 -15.31
N LYS A 41 -29.69 4.96 -13.99
CA LYS A 41 -30.01 6.04 -13.07
C LYS A 41 -28.76 6.84 -12.72
N ARG A 42 -27.59 6.40 -13.17
CA ARG A 42 -26.33 7.08 -12.84
C ARG A 42 -26.17 7.21 -11.34
N THR A 43 -26.54 6.18 -10.61
CA THR A 43 -26.64 6.25 -9.15
C THR A 43 -25.35 6.77 -8.48
N PHE A 44 -24.18 6.32 -8.93
CA PHE A 44 -22.95 6.66 -8.25
C PHE A 44 -22.11 7.77 -8.87
N GLU A 45 -22.73 8.54 -9.78
CA GLU A 45 -22.08 9.72 -10.36
C GLU A 45 -22.33 10.91 -9.45
N VAL A 46 -21.29 11.72 -9.25
CA VAL A 46 -21.35 12.80 -8.28
C VAL A 46 -20.68 14.05 -8.85
N THR A 47 -21.07 15.22 -8.34
CA THR A 47 -20.41 16.50 -8.62
C THR A 47 -19.87 17.12 -7.33
N GLU A 48 -19.35 18.33 -7.45
CA GLU A 48 -18.76 19.10 -6.36
C GLU A 48 -19.83 19.90 -5.57
N ASP A 49 -20.63 19.15 -4.84
CA ASP A 49 -21.79 19.72 -4.17
C ASP A 49 -21.37 20.25 -2.81
N GLU A 50 -21.42 21.57 -2.69
CA GLU A 50 -21.00 22.24 -1.46
C GLU A 50 -22.05 22.10 -0.37
N SER A 51 -23.23 21.54 -0.67
CA SER A 51 -24.25 21.38 0.36
C SER A 51 -24.10 20.06 1.14
N LYS A 52 -23.15 19.21 0.74
CA LYS A 52 -22.92 17.93 1.41
C LYS A 52 -21.49 17.79 1.82
N GLU A 53 -21.26 17.06 2.89
CA GLU A 53 -19.91 16.69 3.26
C GLU A 53 -19.41 15.62 2.27
N LYS A 54 -18.25 15.87 1.66
CA LYS A 54 -17.66 14.98 0.68
C LYS A 54 -16.97 13.82 1.36
N TYR A 55 -16.89 12.69 0.68
CA TYR A 55 -16.03 11.57 1.10
C TYR A 55 -15.41 10.96 -0.14
N TYR A 56 -14.07 10.93 -0.21
CA TYR A 56 -13.35 10.42 -1.37
C TYR A 56 -12.77 9.06 -0.96
N CYS A 57 -13.31 7.99 -1.54
CA CYS A 57 -12.86 6.62 -1.28
C CYS A 57 -12.14 6.08 -2.51
N LEU A 58 -10.84 5.80 -2.37
CA LEU A 58 -10.04 5.43 -3.50
C LEU A 58 -9.35 4.07 -3.33
N SER A 59 -9.43 3.27 -4.39
CA SER A 59 -8.74 1.99 -4.48
C SER A 59 -7.71 2.07 -5.59
N MET A 60 -6.57 1.45 -5.38
CA MET A 60 -5.50 1.51 -6.37
C MET A 60 -5.98 0.98 -7.72
N LEU A 61 -5.84 1.80 -8.75
CA LEU A 61 -6.37 1.51 -10.08
C LEU A 61 -5.67 0.28 -10.66
N PRO A 62 -6.39 -0.57 -11.39
CA PRO A 62 -5.83 -1.83 -11.88
C PRO A 62 -5.01 -1.60 -13.16
N TYR A 63 -4.01 -2.45 -13.35
CA TYR A 63 -3.33 -2.58 -14.63
C TYR A 63 -4.21 -3.54 -15.45
N PRO A 64 -4.48 -3.22 -16.74
CA PRO A 64 -5.35 -4.05 -17.57
C PRO A 64 -4.63 -5.28 -18.17
N SER A 65 -4.43 -6.30 -17.34
CA SER A 65 -3.70 -7.50 -17.73
C SER A 65 -4.57 -8.45 -18.56
N GLY A 66 -5.89 -8.33 -18.44
CA GLY A 66 -6.81 -9.20 -19.12
C GLY A 66 -7.95 -9.71 -18.27
N ARG A 67 -7.64 -10.15 -17.06
CA ARG A 67 -8.63 -10.65 -16.14
C ARG A 67 -8.41 -10.12 -14.74
N LEU A 68 -9.50 -9.86 -14.04
CA LEU A 68 -9.39 -9.60 -12.61
C LEU A 68 -8.78 -10.78 -11.87
N HIS A 69 -7.96 -10.47 -10.87
CA HIS A 69 -7.39 -11.44 -9.94
CA HIS A 69 -7.45 -11.48 -9.94
C HIS A 69 -8.08 -11.28 -8.56
N MET A 70 -7.99 -12.29 -7.71
CA MET A 70 -8.66 -12.22 -6.39
C MET A 70 -8.21 -11.05 -5.47
N GLY A 71 -6.99 -10.55 -5.67
CA GLY A 71 -6.53 -9.34 -4.99
C GLY A 71 -7.28 -8.09 -5.39
N HIS A 72 -7.67 -7.99 -6.66
CA HIS A 72 -8.54 -6.88 -7.12
C HIS A 72 -9.89 -6.93 -6.43
N VAL A 73 -10.46 -8.11 -6.40
CA VAL A 73 -11.81 -8.29 -5.85
C VAL A 73 -11.85 -7.91 -4.38
N ARG A 74 -10.84 -8.34 -3.63
CA ARG A 74 -10.72 -7.95 -2.24
C ARG A 74 -10.56 -6.45 -2.08
N ASN A 75 -9.59 -5.88 -2.79
CA ASN A 75 -9.30 -4.45 -2.71
C ASN A 75 -10.54 -3.64 -3.02
N TYR A 76 -11.17 -3.95 -4.12
CA TYR A 76 -12.28 -3.15 -4.60
C TYR A 76 -13.56 -3.39 -3.78
N THR A 77 -13.70 -4.57 -3.17
CA THR A 77 -14.89 -4.81 -2.33
C THR A 77 -14.77 -3.99 -1.04
N ILE A 78 -13.58 -4.00 -0.44
CA ILE A 78 -13.36 -3.19 0.75
C ILE A 78 -13.73 -1.75 0.43
N GLY A 79 -13.18 -1.22 -0.65
CA GLY A 79 -13.49 0.13 -1.09
C GLY A 79 -14.98 0.38 -1.32
N ASP A 80 -15.65 -0.56 -1.97
CA ASP A 80 -17.07 -0.40 -2.25
C ASP A 80 -17.94 -0.44 -1.01
N VAL A 81 -17.53 -1.27 -0.05
CA VAL A 81 -18.20 -1.31 1.23
C VAL A 81 -18.20 0.08 1.86
N ILE A 82 -17.03 0.71 1.93
CA ILE A 82 -16.90 1.99 2.58
C ILE A 82 -17.68 3.04 1.78
N ALA A 83 -17.52 3.05 0.45
CA ALA A 83 -18.20 4.05 -0.39
C ALA A 83 -19.72 3.96 -0.21
N ARG A 84 -20.27 2.76 -0.30
CA ARG A 84 -21.73 2.59 -0.11
C ARG A 84 -22.20 3.02 1.27
N TYR A 85 -21.46 2.63 2.29
CA TYR A 85 -21.77 2.99 3.68
C TYR A 85 -21.76 4.50 3.91
N GLN A 86 -20.75 5.18 3.42
CA GLN A 86 -20.60 6.60 3.64
C GLN A 86 -21.72 7.33 2.91
N ARG A 87 -22.16 6.80 1.77
CA ARG A 87 -23.31 7.34 1.04
C ARG A 87 -24.56 7.26 1.88
N MET A 88 -24.75 6.12 2.53
CA MET A 88 -25.92 5.94 3.42
C MET A 88 -25.85 6.82 4.67
N LEU A 89 -24.65 7.26 5.05
CA LEU A 89 -24.55 8.22 6.18
C LEU A 89 -24.89 9.64 5.72
N GLY A 90 -25.08 9.84 4.42
CA GLY A 90 -25.48 11.13 3.87
C GLY A 90 -24.34 11.93 3.28
N LYS A 91 -23.23 11.28 2.97
CA LYS A 91 -22.12 11.96 2.36
C LYS A 91 -22.21 11.91 0.82
N ASN A 92 -21.55 12.87 0.18
CA ASN A 92 -21.39 12.94 -1.25
C ASN A 92 -20.11 12.17 -1.55
N VAL A 93 -20.24 10.96 -2.10
CA VAL A 93 -19.13 10.03 -2.13
C VAL A 93 -18.59 9.81 -3.52
N LEU A 94 -17.29 10.11 -3.68
CA LEU A 94 -16.55 9.86 -4.91
C LEU A 94 -15.79 8.50 -4.79
N GLN A 95 -16.16 7.55 -5.67
CA GLN A 95 -15.44 6.28 -5.79
C GLN A 95 -15.14 6.07 -7.27
N PRO A 96 -13.92 6.46 -7.69
CA PRO A 96 -13.56 6.42 -9.10
C PRO A 96 -12.81 5.15 -9.49
N ILE A 97 -12.82 4.85 -10.79
CA ILE A 97 -12.13 3.69 -11.34
C ILE A 97 -11.46 4.09 -12.66
N GLY A 98 -10.44 3.35 -13.05
CA GLY A 98 -9.74 3.67 -14.27
C GLY A 98 -8.65 2.68 -14.49
N TRP A 99 -7.82 2.95 -15.49
CA TRP A 99 -6.85 1.98 -15.98
C TRP A 99 -5.42 2.53 -16.12
N ASP A 100 -4.47 1.89 -15.43
CA ASP A 100 -3.07 2.22 -15.48
C ASP A 100 -2.54 1.42 -16.65
N ALA A 101 -2.59 2.00 -17.84
CA ALA A 101 -2.71 1.19 -19.05
C ALA A 101 -1.43 1.08 -19.86
N PHE A 102 -0.42 1.92 -19.58
CA PHE A 102 0.85 1.77 -20.26
C PHE A 102 1.63 0.66 -19.55
N GLY A 103 2.78 0.29 -20.11
CA GLY A 103 3.66 -0.68 -19.47
C GLY A 103 4.03 -1.94 -20.25
N LEU A 104 4.99 -2.66 -19.67
CA LEU A 104 5.78 -3.70 -20.33
C LEU A 104 4.97 -4.88 -20.86
N PRO A 105 4.03 -5.40 -20.09
CA PRO A 105 3.35 -6.61 -20.52
C PRO A 105 2.60 -6.50 -21.86
N ALA A 106 2.15 -5.31 -22.26
CA ALA A 106 1.41 -5.23 -23.53
C ALA A 106 2.36 -5.41 -24.71
N GLU A 107 3.61 -5.01 -24.54
CA GLU A 107 4.59 -5.20 -25.59
C GLU A 107 4.85 -6.67 -25.81
N GLY A 108 5.00 -7.42 -24.72
CA GLY A 108 5.22 -8.84 -24.81
C GLY A 108 4.02 -9.58 -25.39
N ALA A 109 2.84 -9.18 -24.94
CA ALA A 109 1.61 -9.79 -25.42
C ALA A 109 1.42 -9.51 -26.88
N ALA A 110 1.75 -8.29 -27.30
CA ALA A 110 1.55 -7.92 -28.68
C ALA A 110 2.40 -8.79 -29.58
N VAL A 111 3.64 -8.98 -29.18
CA VAL A 111 4.56 -9.83 -29.93
C VAL A 111 4.15 -11.30 -29.96
N LYS A 112 3.72 -11.84 -28.83
CA LYS A 112 3.33 -13.23 -28.76
C LYS A 112 2.15 -13.44 -29.66
N ASN A 113 1.22 -12.51 -29.61
CA ASN A 113 0.07 -12.55 -30.47
C ASN A 113 0.39 -11.86 -31.76
N ASN A 114 -0.65 -11.57 -32.53
CA ASN A 114 -0.54 -10.99 -33.85
C ASN A 114 -0.65 -9.49 -33.86
N THR A 115 -0.71 -8.89 -32.68
CA THR A 115 -1.13 -7.51 -32.58
C THR A 115 -0.16 -6.43 -32.09
N ALA A 116 -0.73 -5.32 -31.68
CA ALA A 116 0.00 -4.18 -31.16
C ALA A 116 -0.50 -3.91 -29.75
N PRO A 117 0.29 -3.19 -28.96
CA PRO A 117 -0.05 -2.96 -27.57
C PRO A 117 -1.37 -2.21 -27.36
N ALA A 118 -1.68 -1.23 -28.19
CA ALA A 118 -2.87 -0.42 -27.96
C ALA A 118 -4.15 -1.27 -27.98
N PRO A 119 -4.40 -2.00 -29.08
CA PRO A 119 -5.67 -2.72 -29.12
C PRO A 119 -5.76 -3.88 -28.13
N TRP A 120 -4.62 -4.50 -27.85
CA TRP A 120 -4.56 -5.51 -26.81
C TRP A 120 -5.04 -4.89 -25.49
N THR A 121 -4.52 -3.70 -25.16
CA THR A 121 -4.90 -2.97 -23.94
C THR A 121 -6.38 -2.56 -23.87
N TYR A 122 -6.89 -2.01 -24.95
CA TYR A 122 -8.30 -1.57 -24.94
C TYR A 122 -9.29 -2.75 -24.86
N ASP A 123 -8.94 -3.87 -25.48
CA ASP A 123 -9.69 -5.14 -25.35
C ASP A 123 -9.71 -5.61 -23.90
N ASN A 124 -8.55 -5.59 -23.24
CA ASN A 124 -8.49 -5.93 -21.81
C ASN A 124 -9.29 -4.99 -20.94
N ILE A 125 -9.22 -3.69 -21.23
CA ILE A 125 -9.99 -2.71 -20.47
C ILE A 125 -11.48 -3.05 -20.59
N ALA A 126 -11.98 -3.25 -21.82
CA ALA A 126 -13.41 -3.60 -21.95
C ALA A 126 -13.79 -4.87 -21.16
N TYR A 127 -12.94 -5.89 -21.19
CA TYR A 127 -13.26 -7.16 -20.57
C TYR A 127 -13.24 -7.00 -19.04
N MET A 128 -12.18 -6.38 -18.54
CA MET A 128 -12.10 -6.13 -17.10
C MET A 128 -13.16 -5.15 -16.61
N LYS A 129 -13.50 -4.15 -17.42
CA LYS A 129 -14.61 -3.23 -17.06
C LYS A 129 -15.89 -4.00 -16.80
N ASN A 130 -16.22 -4.92 -17.69
CA ASN A 130 -17.41 -5.77 -17.54
C ASN A 130 -17.35 -6.63 -16.25
N GLN A 131 -16.17 -7.10 -15.90
CA GLN A 131 -16.02 -7.84 -14.66
C GLN A 131 -16.30 -7.01 -13.44
N LEU A 132 -15.74 -5.82 -13.41
CA LEU A 132 -16.00 -4.89 -12.32
C LEU A 132 -17.50 -4.60 -12.22
N LYS A 133 -18.17 -4.38 -13.35
CA LYS A 133 -19.63 -4.14 -13.30
C LYS A 133 -20.38 -5.36 -12.71
N MET A 134 -19.96 -6.55 -13.12
CA MET A 134 -20.55 -7.79 -12.66
C MET A 134 -20.34 -8.07 -11.16
N LEU A 135 -19.30 -7.50 -10.58
CA LEU A 135 -19.12 -7.49 -9.13
C LEU A 135 -19.97 -6.38 -8.47
N GLY A 136 -20.45 -5.44 -9.28
CA GLY A 136 -21.37 -4.42 -8.80
C GLY A 136 -20.73 -3.38 -7.90
N PHE A 137 -19.54 -2.92 -8.28
CA PHE A 137 -18.89 -1.85 -7.57
C PHE A 137 -19.49 -0.51 -8.00
N GLY A 138 -19.89 0.30 -7.02
CA GLY A 138 -20.57 1.55 -7.31
C GLY A 138 -19.61 2.65 -7.67
N TYR A 139 -19.05 2.59 -8.87
CA TYR A 139 -18.17 3.65 -9.37
C TYR A 139 -18.89 4.77 -10.08
N ASP A 140 -18.33 5.95 -10.00
CA ASP A 140 -18.70 7.02 -10.90
C ASP A 140 -18.03 6.80 -12.23
N TRP A 141 -18.73 6.12 -13.14
CA TRP A 141 -18.19 5.72 -14.43
C TRP A 141 -17.96 6.90 -15.37
N SER A 142 -18.66 8.01 -15.14
CA SER A 142 -18.38 9.25 -15.88
C SER A 142 -16.94 9.74 -15.66
N ARG A 143 -16.30 9.38 -14.55
CA ARG A 143 -14.92 9.84 -14.33
C ARG A 143 -13.84 8.82 -14.74
N GLU A 144 -14.23 7.79 -15.48
CA GLU A 144 -13.31 6.72 -15.83
C GLU A 144 -12.17 7.26 -16.74
N LEU A 145 -10.93 6.89 -16.44
CA LEU A 145 -9.72 7.32 -17.18
C LEU A 145 -8.92 6.10 -17.64
N ALA A 146 -8.34 6.19 -18.82
CA ALA A 146 -7.34 5.25 -19.27
C ALA A 146 -6.05 6.06 -19.44
N THR A 147 -5.01 5.69 -18.71
CA THR A 147 -3.82 6.53 -18.67
C THR A 147 -3.00 6.52 -19.95
N CYS A 148 -3.34 5.66 -20.92
CA CYS A 148 -2.64 5.62 -22.23
C CYS A 148 -3.29 6.47 -23.31
N THR A 149 -4.31 7.21 -22.96
CA THR A 149 -4.98 8.09 -23.90
C THR A 149 -4.33 9.43 -23.79
N PRO A 150 -4.10 10.10 -24.93
CA PRO A 150 -3.54 11.44 -24.95
C PRO A 150 -4.28 12.42 -24.03
N GLU A 151 -5.59 12.28 -23.93
CA GLU A 151 -6.35 13.17 -23.07
C GLU A 151 -5.86 13.11 -21.61
N TYR A 152 -5.26 11.99 -21.23
CA TYR A 152 -4.63 11.87 -19.92
C TYR A 152 -3.15 12.29 -19.97
N TYR A 153 -2.34 11.58 -20.74
CA TYR A 153 -0.90 11.81 -20.62
C TYR A 153 -0.41 13.19 -21.08
N ARG A 154 -1.20 13.87 -21.90
CA ARG A 154 -0.84 15.20 -22.32
C ARG A 154 -0.46 16.08 -21.13
N TRP A 155 -1.16 15.91 -20.03
CA TRP A 155 -0.97 16.80 -18.91
C TRP A 155 0.35 16.50 -18.18
N GLU A 156 0.72 15.23 -18.08
CA GLU A 156 2.00 14.91 -17.46
C GLU A 156 3.15 15.33 -18.37
N GLN A 157 2.89 15.43 -19.66
CA GLN A 157 3.93 15.94 -20.57
C GLN A 157 4.16 17.44 -20.34
N LYS A 158 3.07 18.18 -20.23
CA LYS A 158 3.14 19.61 -19.93
C LYS A 158 3.77 19.86 -18.57
N PHE A 159 3.37 19.09 -17.57
CA PHE A 159 3.89 19.23 -16.22
C PHE A 159 5.40 19.03 -16.24
N PHE A 160 5.86 17.98 -16.91
CA PHE A 160 7.29 17.71 -17.01
C PHE A 160 8.06 18.91 -17.59
N THR A 161 7.53 19.53 -18.64
CA THR A 161 8.22 20.70 -19.24
C THR A 161 8.36 21.83 -18.22
N GLU A 162 7.30 22.06 -17.43
CA GLU A 162 7.33 23.08 -16.38
C GLU A 162 8.35 22.73 -15.30
N LEU A 163 8.41 21.47 -14.90
CA LEU A 163 9.41 20.98 -13.94
C LEU A 163 10.81 21.28 -14.47
N TYR A 164 11.01 21.08 -15.76
CA TYR A 164 12.33 21.32 -16.34
C TYR A 164 12.70 22.78 -16.25
N LYS A 165 11.76 23.65 -16.55
CA LYS A 165 12.04 25.08 -16.56
C LYS A 165 12.24 25.60 -15.14
N LYS A 166 11.70 24.88 -14.15
CA LYS A 166 11.95 25.21 -12.76
C LYS A 166 13.17 24.51 -12.19
N GLY A 167 14.00 23.92 -13.04
CA GLY A 167 15.25 23.33 -12.56
C GLY A 167 15.14 22.04 -11.76
N LEU A 168 13.98 21.38 -11.80
CA LEU A 168 13.78 20.09 -11.12
C LEU A 168 14.01 18.86 -12.02
N VAL A 169 14.51 19.07 -13.25
CA VAL A 169 14.74 17.96 -14.18
C VAL A 169 16.14 18.04 -14.81
N TYR A 170 16.86 16.92 -14.85
CA TYR A 170 18.18 16.90 -15.49
C TYR A 170 18.48 15.56 -16.13
N LYS A 171 19.50 15.55 -16.97
CA LYS A 171 19.87 14.37 -17.74
C LYS A 171 21.25 13.92 -17.30
N LYS A 172 21.44 12.61 -17.15
CA LYS A 172 22.77 12.05 -16.96
C LYS A 172 22.79 10.55 -17.22
N THR A 173 23.99 10.04 -17.47
CA THR A 173 24.19 8.60 -17.65
C THR A 173 24.35 7.92 -16.30
N SER A 174 23.57 6.86 -16.09
CA SER A 174 23.57 6.10 -14.84
C SER A 174 23.39 4.63 -15.22
N ALA A 175 23.48 3.71 -14.25
CA ALA A 175 23.53 2.26 -14.57
C ALA A 175 22.36 1.44 -13.99
N VAL A 176 21.27 1.34 -14.74
CA VAL A 176 20.08 0.58 -14.32
C VAL A 176 19.19 0.30 -15.52
N GLU A 207 24.47 1.25 -17.91
CA GLU A 207 25.12 2.51 -18.29
C GLU A 207 24.36 3.25 -19.41
N ILE A 208 23.16 3.70 -19.10
CA ILE A 208 22.30 4.39 -20.07
C ILE A 208 21.98 5.84 -19.66
N PRO A 209 21.93 6.76 -20.61
CA PRO A 209 21.47 8.10 -20.28
C PRO A 209 19.98 8.13 -19.91
N GLN A 210 19.61 8.99 -18.98
CA GLN A 210 18.26 9.00 -18.44
C GLN A 210 17.85 10.40 -18.01
N TRP A 211 16.55 10.66 -18.08
CA TRP A 211 15.98 11.84 -17.46
C TRP A 211 15.68 11.55 -16.00
N PHE A 212 16.11 12.47 -15.13
CA PHE A 212 15.81 12.39 -13.72
C PHE A 212 14.98 13.57 -13.26
N ILE A 213 14.01 13.31 -12.37
CA ILE A 213 13.32 14.34 -11.59
C ILE A 213 13.95 14.41 -10.18
N LYS A 214 14.20 15.64 -9.71
CA LYS A 214 14.94 15.87 -8.49
C LYS A 214 14.07 15.64 -7.24
N ILE A 215 13.69 14.38 -7.00
CA ILE A 215 12.89 14.07 -5.81
C ILE A 215 13.66 14.38 -4.52
N THR A 216 15.00 14.32 -4.55
CA THR A 216 15.79 14.64 -3.37
C THR A 216 15.64 16.11 -2.93
N ALA A 217 15.25 17.00 -3.83
CA ALA A 217 14.94 18.38 -3.43
C ALA A 217 13.73 18.43 -2.48
N TYR A 218 12.93 17.37 -2.46
CA TYR A 218 11.76 17.30 -1.54
C TYR A 218 11.93 16.31 -0.38
N ALA A 219 13.08 15.64 -0.32
CA ALA A 219 13.34 14.60 0.70
C ALA A 219 13.00 14.99 2.14
N ASP A 220 13.49 16.13 2.59
CA ASP A 220 13.29 16.57 3.98
C ASP A 220 11.80 16.63 4.28
N GLU A 221 11.04 17.20 3.36
CA GLU A 221 9.61 17.37 3.56
C GLU A 221 8.91 16.03 3.45
N LEU A 222 9.33 15.19 2.51
CA LEU A 222 8.71 13.87 2.40
C LEU A 222 8.93 13.09 3.72
N LEU A 223 10.13 13.20 4.29
CA LEU A 223 10.44 12.59 5.60
C LEU A 223 9.65 13.24 6.75
N ASN A 224 9.76 14.54 6.89
CA ASN A 224 9.12 15.24 8.00
C ASN A 224 7.62 15.07 7.98
N ASP A 225 7.01 15.11 6.79
CA ASP A 225 5.55 15.08 6.73
C ASP A 225 4.96 13.73 7.07
N LEU A 226 5.79 12.70 7.22
CA LEU A 226 5.33 11.42 7.78
C LEU A 226 4.70 11.54 9.18
N ASP A 227 5.13 12.53 9.96
CA ASP A 227 4.60 12.76 11.31
C ASP A 227 3.15 13.30 11.29
N LYS A 228 2.70 13.80 10.15
CA LYS A 228 1.30 14.18 9.97
C LYS A 228 0.42 12.99 9.60
N LEU A 229 1.02 11.84 9.28
CA LEU A 229 0.22 10.74 8.73
C LEU A 229 -0.18 9.75 9.81
N ASP A 230 -0.99 10.25 10.74
CA ASP A 230 -1.52 9.47 11.85
C ASP A 230 -2.32 8.29 11.35
N HIS A 231 -2.99 8.43 10.21
CA HIS A 231 -3.87 7.38 9.76
C HIS A 231 -3.25 6.56 8.63
N TRP A 232 -1.92 6.59 8.53
CA TRP A 232 -1.16 5.61 7.75
C TRP A 232 -0.52 4.61 8.73
N PRO A 233 -0.36 3.34 8.32
CA PRO A 233 0.26 2.37 9.20
C PRO A 233 1.73 2.66 9.43
N ASP A 234 2.15 2.43 10.66
CA ASP A 234 3.52 2.58 11.07
C ASP A 234 4.50 1.85 10.18
N THR A 235 4.15 0.64 9.75
CA THR A 235 5.04 -0.12 8.87
C THR A 235 5.35 0.60 7.53
N VAL A 236 4.34 1.22 6.91
CA VAL A 236 4.54 1.91 5.65
C VAL A 236 5.37 3.18 5.92
N LYS A 237 5.05 3.86 7.03
CA LYS A 237 5.77 5.10 7.39
C LYS A 237 7.25 4.81 7.65
N THR A 238 7.53 3.72 8.37
CA THR A 238 8.90 3.28 8.64
C THR A 238 9.65 2.85 7.39
N MET A 239 8.97 2.17 6.48
CA MET A 239 9.59 1.79 5.21
C MET A 239 10.00 3.06 4.43
N GLN A 240 9.13 4.06 4.39
CA GLN A 240 9.47 5.33 3.72
C GLN A 240 10.62 6.03 4.39
N ARG A 241 10.62 6.11 5.73
CA ARG A 241 11.77 6.68 6.47
C ARG A 241 13.11 6.01 6.12
N ASN A 242 13.12 4.68 6.08
CA ASN A 242 14.36 3.94 5.81
C ASN A 242 14.83 4.08 4.37
N TRP A 243 13.87 4.15 3.45
CA TRP A 243 14.17 4.32 2.04
C TRP A 243 14.67 5.73 1.75
N ILE A 244 14.13 6.74 2.43
CA ILE A 244 14.65 8.10 2.29
C ILE A 244 16.07 8.14 2.82
N GLY A 245 16.27 7.54 4.00
CA GLY A 245 17.61 7.34 4.56
C GLY A 245 18.41 8.60 4.74
N ARG A 246 17.80 9.62 5.33
CA ARG A 246 18.48 10.92 5.49
C ARG A 246 19.67 10.80 6.41
N SER A 247 20.77 11.45 6.04
CA SER A 247 22.02 11.22 6.70
C SER A 247 22.76 12.54 6.84
N GLU A 248 23.28 12.77 8.07
CA GLU A 248 24.06 13.96 8.41
C GLU A 248 25.51 13.60 8.57
N GLY A 249 26.37 14.29 7.84
CA GLY A 249 27.77 13.98 7.83
C GLY A 249 28.68 15.06 7.33
N VAL A 250 29.90 14.66 6.99
CA VAL A 250 30.93 15.58 6.60
C VAL A 250 31.69 15.06 5.39
N GLU A 251 31.87 15.94 4.41
CA GLU A 251 32.75 15.68 3.28
C GLU A 251 34.14 16.14 3.70
N ILE A 252 35.14 15.29 3.42
CA ILE A 252 36.52 15.59 3.75
C ILE A 252 37.34 15.42 2.47
N THR A 253 38.07 16.46 2.10
CA THR A 253 38.79 16.51 0.82
C THR A 253 40.29 16.33 1.05
N PHE A 254 40.92 15.46 0.25
CA PHE A 254 42.31 15.12 0.43
C PHE A 254 43.16 15.53 -0.78
N ASN A 255 44.44 15.69 -0.55
CA ASN A 255 45.39 15.87 -1.63
C ASN A 255 45.97 14.51 -1.96
N VAL A 256 46.05 14.19 -3.25
CA VAL A 256 46.67 12.96 -3.70
C VAL A 256 47.93 13.32 -4.48
N ASN A 257 49.04 12.66 -4.13
CA ASN A 257 50.38 13.07 -4.57
C ASN A 257 50.73 13.09 -6.06
N ASP A 258 50.37 12.04 -6.79
CA ASP A 258 50.70 12.02 -8.20
C ASP A 258 49.42 12.11 -8.98
N TYR A 259 48.39 12.59 -8.31
CA TYR A 259 47.06 12.69 -8.85
C TYR A 259 46.67 14.14 -9.09
N ASP A 260 46.12 14.39 -10.26
CA ASP A 260 45.74 15.74 -10.70
C ASP A 260 44.68 16.38 -9.81
N ASN A 261 43.71 15.59 -9.37
CA ASN A 261 42.56 16.10 -8.64
C ASN A 261 42.68 15.83 -7.15
N THR A 262 41.81 16.47 -6.39
CA THR A 262 41.63 16.11 -5.01
C THR A 262 40.66 14.93 -4.97
N LEU A 263 40.57 14.29 -3.81
CA LEU A 263 39.69 13.17 -3.59
C LEU A 263 38.83 13.48 -2.37
N THR A 264 37.52 13.41 -2.53
CA THR A 264 36.61 13.76 -1.44
C THR A 264 35.79 12.56 -0.96
N VAL A 265 35.68 12.44 0.35
CA VAL A 265 35.00 11.31 0.98
C VAL A 265 33.86 11.82 1.83
N TYR A 266 32.85 10.96 2.02
CA TYR A 266 31.76 11.26 2.94
C TYR A 266 31.84 10.36 4.18
N THR A 267 31.75 10.96 5.37
CA THR A 267 31.64 10.17 6.59
C THR A 267 30.52 10.64 7.49
N THR A 268 29.78 9.69 8.06
CA THR A 268 28.87 9.98 9.18
C THR A 268 29.57 9.94 10.51
N ARG A 269 30.88 9.67 10.52
CA ARG A 269 31.61 9.51 11.76
C ARG A 269 32.96 10.27 11.73
N PRO A 270 32.90 11.60 11.55
CA PRO A 270 34.12 12.41 11.51
C PRO A 270 34.86 12.39 12.86
N ASP A 271 34.16 12.01 13.93
CA ASP A 271 34.74 11.83 15.25
C ASP A 271 35.85 10.73 15.27
N THR A 272 35.83 9.83 14.30
CA THR A 272 36.81 8.75 14.21
C THR A 272 38.00 9.07 13.28
N PHE A 273 38.09 10.31 12.81
CA PHE A 273 39.05 10.68 11.76
C PHE A 273 40.54 10.52 12.07
N MET A 274 40.94 10.53 13.35
CA MET A 274 42.37 10.32 13.67
C MET A 274 42.69 8.83 13.69
N GLY A 275 41.66 8.00 13.53
CA GLY A 275 41.83 6.56 13.37
C GLY A 275 41.83 6.12 11.93
N CYS A 276 41.87 7.08 11.02
CA CYS A 276 41.81 6.79 9.59
C CYS A 276 43.17 6.33 9.12
N THR A 277 43.27 5.09 8.62
CA THR A 277 44.56 4.54 8.20
C THR A 277 44.67 4.36 6.69
N TYR A 278 43.54 4.40 6.00
CA TYR A 278 43.51 4.38 4.54
C TYR A 278 42.19 4.92 4.05
N LEU A 279 42.13 5.23 2.76
CA LEU A 279 40.90 5.58 2.05
C LEU A 279 40.52 4.46 1.10
N ALA A 280 39.23 4.37 0.80
CA ALA A 280 38.71 3.38 -0.12
C ALA A 280 37.75 4.03 -1.11
N VAL A 281 37.89 3.63 -2.37
CA VAL A 281 37.18 4.24 -3.47
C VAL A 281 36.37 3.16 -4.21
N ALA A 282 35.22 3.54 -4.76
CA ALA A 282 34.40 2.61 -5.54
C ALA A 282 35.17 2.11 -6.76
N ALA A 283 34.81 0.92 -7.24
CA ALA A 283 35.42 0.33 -8.44
C ALA A 283 35.35 1.27 -9.64
N GLY A 284 34.24 1.99 -9.77
CA GLY A 284 34.03 2.94 -10.87
C GLY A 284 34.49 4.37 -10.62
N HIS A 285 35.08 4.65 -9.45
CA HIS A 285 35.67 5.98 -9.19
C HIS A 285 36.78 6.29 -10.22
N PRO A 286 36.88 7.55 -10.68
CA PRO A 286 37.92 7.92 -11.66
C PRO A 286 39.37 7.84 -11.16
N LEU A 287 39.62 8.09 -9.87
CA LEU A 287 40.97 7.85 -9.31
C LEU A 287 41.36 6.38 -9.52
N ALA A 288 40.40 5.46 -9.39
CA ALA A 288 40.62 4.02 -9.64
C ALA A 288 40.83 3.72 -11.12
N GLN A 289 40.10 4.41 -12.00
CA GLN A 289 40.29 4.20 -13.43
C GLN A 289 41.68 4.66 -13.91
N LYS A 290 42.21 5.73 -13.33
CA LYS A 290 43.52 6.26 -13.71
C LYS A 290 44.66 5.30 -13.31
N ALA A 291 44.65 4.87 -12.04
CA ALA A 291 45.63 3.90 -11.53
C ALA A 291 45.54 2.55 -12.26
N ALA A 292 44.34 2.19 -12.69
CA ALA A 292 44.09 0.95 -13.42
C ALA A 292 44.81 0.84 -14.78
N GLU A 293 45.26 1.97 -15.33
CA GLU A 293 45.98 1.97 -16.62
C GLU A 293 47.31 1.22 -16.50
N ASN A 294 48.10 1.58 -15.50
CA ASN A 294 49.39 0.92 -15.23
C ASN A 294 49.25 -0.43 -14.51
N ASN A 295 48.11 -0.63 -13.85
CA ASN A 295 47.94 -1.70 -12.87
C ASN A 295 46.94 -2.76 -13.33
N PRO A 296 47.42 -3.89 -13.91
CA PRO A 296 46.49 -4.93 -14.39
C PRO A 296 45.72 -5.65 -13.26
N GLU A 297 46.33 -5.73 -12.07
CA GLU A 297 45.65 -6.28 -10.89
C GLU A 297 44.39 -5.45 -10.63
N LEU A 298 44.54 -4.13 -10.61
CA LEU A 298 43.41 -3.20 -10.46
C LEU A 298 42.49 -3.21 -11.67
N ALA A 299 43.07 -3.29 -12.87
CA ALA A 299 42.28 -3.31 -14.11
C ALA A 299 41.20 -4.40 -14.05
N ALA A 300 41.63 -5.63 -13.77
CA ALA A 300 40.71 -6.78 -13.74
C ALA A 300 39.74 -6.72 -12.56
N PHE A 301 40.13 -6.10 -11.47
CA PHE A 301 39.23 -5.91 -10.33
C PHE A 301 38.03 -5.04 -10.70
N ILE A 302 38.29 -3.92 -11.38
CA ILE A 302 37.23 -3.00 -11.80
C ILE A 302 36.25 -3.72 -12.73
N ASP A 303 36.78 -4.40 -13.72
CA ASP A 303 35.97 -5.14 -14.70
C ASP A 303 35.09 -6.22 -14.04
N GLU A 304 35.70 -7.00 -13.16
CA GLU A 304 35.00 -7.98 -12.33
C GLU A 304 33.79 -7.37 -11.56
N CYS A 305 33.98 -6.18 -10.99
CA CYS A 305 32.92 -5.52 -10.20
C CYS A 305 31.68 -5.10 -11.00
N ARG A 306 31.81 -4.87 -12.30
CA ARG A 306 30.62 -4.65 -13.18
C ARG A 306 29.71 -5.87 -13.34
N ASN A 307 30.25 -7.07 -13.08
CA ASN A 307 29.58 -8.33 -13.47
C ASN A 307 29.27 -9.28 -12.29
N THR A 308 28.71 -10.45 -12.63
CA THR A 308 28.43 -11.53 -11.67
C THR A 308 27.48 -11.12 -10.53
N MET A 318 28.67 -11.43 1.87
CA MET A 318 29.06 -10.02 1.90
C MET A 318 30.58 -9.86 2.01
N GLU A 319 31.34 -10.64 1.27
CA GLU A 319 32.78 -10.66 1.43
C GLU A 319 33.46 -9.39 0.93
N LYS A 320 34.42 -8.90 1.72
CA LYS A 320 35.19 -7.71 1.35
C LYS A 320 36.21 -8.09 0.27
N LYS A 321 36.40 -7.19 -0.70
CA LYS A 321 37.39 -7.38 -1.74
C LYS A 321 37.97 -6.07 -2.21
N GLY A 322 39.30 -6.03 -2.32
CA GLY A 322 39.99 -4.83 -2.77
C GLY A 322 41.34 -5.03 -3.44
N VAL A 323 41.77 -3.99 -4.17
CA VAL A 323 43.13 -3.90 -4.70
C VAL A 323 43.68 -2.50 -4.43
N ASP A 324 44.95 -2.48 -4.02
CA ASP A 324 45.69 -1.25 -3.76
C ASP A 324 45.87 -0.48 -5.06
N THR A 325 45.47 0.80 -5.04
CA THR A 325 45.55 1.67 -6.21
C THR A 325 46.99 2.22 -6.45
N GLY A 326 47.83 2.18 -5.42
CA GLY A 326 49.18 2.72 -5.50
C GLY A 326 49.25 4.20 -5.15
N PHE A 327 48.10 4.90 -5.18
CA PHE A 327 48.05 6.32 -4.85
C PHE A 327 48.11 6.56 -3.35
N LYS A 328 48.77 7.63 -2.96
CA LYS A 328 48.85 8.03 -1.57
C LYS A 328 48.10 9.34 -1.39
N ALA A 329 47.29 9.39 -0.34
CA ALA A 329 46.59 10.60 0.04
C ALA A 329 47.23 11.12 1.32
N VAL A 330 47.21 12.45 1.50
CA VAL A 330 47.79 13.10 2.66
C VAL A 330 46.67 13.38 3.66
N HIS A 331 46.78 12.82 4.87
CA HIS A 331 45.83 13.07 5.94
C HIS A 331 45.95 14.55 6.32
N PRO A 332 44.85 15.31 6.23
CA PRO A 332 44.95 16.77 6.39
C PRO A 332 45.38 17.26 7.78
N LEU A 333 45.09 16.48 8.83
CA LEU A 333 45.48 16.87 10.19
C LEU A 333 46.88 16.42 10.56
N THR A 334 47.21 15.14 10.33
CA THR A 334 48.55 14.60 10.67
C THR A 334 49.59 14.94 9.61
N GLY A 335 49.16 14.95 8.35
CA GLY A 335 50.05 15.15 7.21
C GLY A 335 50.74 13.88 6.73
N GLU A 336 50.35 12.73 7.28
CA GLU A 336 50.99 11.47 6.93
C GLU A 336 50.34 10.91 5.66
N GLU A 337 51.13 10.16 4.90
CA GLU A 337 50.59 9.48 3.74
C GLU A 337 49.79 8.28 4.17
N ILE A 338 48.60 8.15 3.62
CA ILE A 338 47.84 6.92 3.75
C ILE A 338 47.52 6.41 2.33
N PRO A 339 47.36 5.10 2.16
CA PRO A 339 47.06 4.59 0.83
C PRO A 339 45.57 4.68 0.46
N VAL A 340 45.30 4.61 -0.85
CA VAL A 340 43.95 4.60 -1.39
C VAL A 340 43.70 3.25 -2.06
N TRP A 341 42.73 2.49 -1.57
CA TRP A 341 42.40 1.17 -2.14
C TRP A 341 41.10 1.26 -2.92
N ALA A 342 40.93 0.39 -3.90
CA ALA A 342 39.64 0.20 -4.53
C ALA A 342 38.97 -0.95 -3.77
N ALA A 343 37.69 -0.79 -3.43
CA ALA A 343 36.98 -1.71 -2.53
C ALA A 343 35.56 -1.96 -3.04
N ASN A 344 35.12 -3.22 -2.94
CA ASN A 344 33.84 -3.61 -3.54
C ASN A 344 32.60 -3.10 -2.79
N PHE A 345 32.75 -2.74 -1.51
CA PHE A 345 31.62 -2.34 -0.65
C PHE A 345 31.25 -0.84 -0.71
N VAL A 346 32.00 -0.06 -1.51
CA VAL A 346 31.74 1.38 -1.67
C VAL A 346 30.90 1.63 -2.91
N LEU A 347 29.66 2.08 -2.73
CA LEU A 347 28.80 2.36 -3.88
C LEU A 347 29.23 3.65 -4.57
N MET A 348 29.38 3.60 -5.88
CA MET A 348 29.74 4.80 -6.63
C MET A 348 28.66 5.90 -6.51
N GLU A 349 27.40 5.47 -6.50
CA GLU A 349 26.27 6.40 -6.64
C GLU A 349 25.89 7.09 -5.34
N TYR A 350 26.46 6.67 -4.20
CA TYR A 350 26.11 7.32 -2.94
C TYR A 350 27.25 8.20 -2.50
N GLY A 351 26.90 9.36 -1.95
CA GLY A 351 27.88 10.39 -1.59
C GLY A 351 28.80 10.73 -2.75
N THR A 352 30.09 10.76 -2.46
CA THR A 352 31.14 11.03 -3.42
C THR A 352 31.71 9.74 -4.04
N GLY A 353 31.18 8.59 -3.66
CA GLY A 353 31.74 7.29 -4.10
C GLY A 353 33.10 6.97 -3.52
N ALA A 354 33.39 7.49 -2.34
CA ALA A 354 34.67 7.27 -1.70
C ALA A 354 34.49 7.50 -0.22
N VAL A 355 35.11 6.62 0.57
CA VAL A 355 35.06 6.70 2.03
C VAL A 355 36.46 6.88 2.61
N MET A 356 36.53 7.31 3.87
CA MET A 356 37.75 7.12 4.64
C MET A 356 37.57 5.88 5.52
N ALA A 357 38.65 5.14 5.72
CA ALA A 357 38.52 3.88 6.41
C ALA A 357 39.10 4.01 7.81
N VAL A 358 38.34 3.52 8.79
CA VAL A 358 38.73 3.49 10.20
C VAL A 358 38.41 2.09 10.72
N PRO A 359 39.33 1.15 10.48
CA PRO A 359 39.06 -0.25 10.78
C PRO A 359 38.72 -0.51 12.23
N GLY A 360 39.26 0.35 13.11
CA GLY A 360 38.99 0.24 14.53
C GLY A 360 37.51 0.36 14.85
N HIS A 361 36.76 1.05 14.01
CA HIS A 361 35.42 1.47 14.43
C HIS A 361 34.30 1.33 13.39
N ASP A 362 34.63 0.82 12.21
CA ASP A 362 33.64 0.47 11.17
C ASP A 362 33.87 -1.01 10.85
N GLN A 363 32.89 -1.84 11.14
CA GLN A 363 33.05 -3.28 10.98
C GLN A 363 33.44 -3.67 9.55
N ARG A 364 32.99 -2.91 8.56
CA ARG A 364 33.30 -3.22 7.17
C ARG A 364 34.78 -2.93 6.91
N ASP A 365 35.27 -1.80 7.44
CA ASP A 365 36.67 -1.45 7.31
C ASP A 365 37.56 -2.40 8.11
N TYR A 366 37.02 -2.98 9.20
CA TYR A 366 37.75 -3.94 10.04
C TYR A 366 38.08 -5.24 9.28
N GLU A 367 37.07 -5.78 8.61
CA GLU A 367 37.24 -6.99 7.84
C GLU A 367 38.11 -6.73 6.61
N PHE A 368 37.98 -5.56 5.98
CA PHE A 368 38.85 -5.22 4.86
C PHE A 368 40.31 -5.14 5.29
N ALA A 369 40.58 -4.36 6.35
CA ALA A 369 41.95 -4.17 6.84
C ALA A 369 42.55 -5.47 7.37
N SER A 370 41.70 -6.32 7.97
CA SER A 370 42.14 -7.59 8.52
C SER A 370 42.53 -8.55 7.40
N LYS A 371 41.74 -8.55 6.34
CA LYS A 371 42.04 -9.34 5.16
C LYS A 371 43.33 -8.88 4.48
N TYR A 372 43.50 -7.58 4.30
CA TYR A 372 44.61 -7.07 3.51
C TYR A 372 45.80 -6.53 4.30
N GLY A 373 45.78 -6.73 5.62
CA GLY A 373 46.93 -6.42 6.46
C GLY A 373 47.15 -4.94 6.74
N LEU A 374 46.14 -4.11 6.54
CA LEU A 374 46.32 -2.67 6.72
C LEU A 374 46.13 -2.34 8.22
N ASN A 375 46.52 -1.14 8.63
CA ASN A 375 46.49 -0.83 10.07
C ASN A 375 45.11 -0.65 10.65
N ILE A 376 44.94 -1.20 11.86
CA ILE A 376 43.77 -1.01 12.69
C ILE A 376 44.20 -0.18 13.90
N LYS A 377 43.61 1.01 14.03
CA LYS A 377 44.02 2.02 14.98
C LYS A 377 42.81 2.44 15.85
N PRO A 378 42.91 2.26 17.18
CA PRO A 378 41.81 2.58 18.09
C PRO A 378 41.78 4.06 18.49
N VAL A 379 40.66 4.73 18.26
CA VAL A 379 40.52 6.13 18.69
C VAL A 379 39.25 6.45 19.55
N ILE A 380 38.41 5.44 19.79
CA ILE A 380 37.21 5.62 20.60
C ILE A 380 37.26 4.61 21.76
N LEU A 381 36.94 5.08 22.97
CA LEU A 381 36.88 4.21 24.14
C LEU A 381 35.55 3.49 24.27
N ALA A 382 35.56 2.36 24.99
CA ALA A 382 34.37 1.64 25.36
C ALA A 382 33.56 2.42 26.39
N ALA A 383 32.28 2.06 26.52
CA ALA A 383 31.29 2.68 27.43
C ALA A 383 31.80 3.00 28.84
N ASP A 384 32.58 2.07 29.40
CA ASP A 384 33.12 2.22 30.76
C ASP A 384 34.41 3.04 30.84
N GLY A 385 34.88 3.57 29.70
CA GLY A 385 36.05 4.46 29.67
C GLY A 385 37.37 3.74 29.48
N SER A 386 37.31 2.41 29.32
CA SER A 386 38.50 1.58 29.11
C SER A 386 38.81 1.53 27.61
N GLU A 387 40.09 1.33 27.30
CA GLU A 387 40.51 1.19 25.91
C GLU A 387 39.91 -0.10 25.34
N PRO A 388 39.43 -0.04 24.09
CA PRO A 388 38.58 -1.11 23.56
C PRO A 388 39.33 -2.36 23.12
N ASP A 389 38.62 -3.49 23.17
CA ASP A 389 39.14 -4.76 22.66
C ASP A 389 38.92 -4.85 21.15
N LEU A 390 39.97 -4.57 20.37
CA LEU A 390 39.91 -4.65 18.89
C LEU A 390 40.49 -5.96 18.33
N SER A 391 40.85 -6.88 19.20
CA SER A 391 41.44 -8.13 18.74
C SER A 391 40.50 -8.99 17.88
N GLN A 392 39.18 -8.75 17.89
CA GLN A 392 38.24 -9.59 17.13
C GLN A 392 37.30 -8.80 16.19
N GLN A 393 36.88 -7.60 16.59
CA GLN A 393 35.95 -6.80 15.78
C GLN A 393 36.09 -5.31 16.09
N ALA A 394 35.46 -4.48 15.27
CA ALA A 394 35.45 -3.05 15.46
C ALA A 394 34.60 -2.68 16.70
N LEU A 395 35.01 -1.62 17.37
CA LEU A 395 34.20 -1.00 18.40
C LEU A 395 33.37 0.08 17.70
N THR A 396 32.09 -0.23 17.64
CA THR A 396 31.13 0.40 16.77
C THR A 396 30.42 1.57 17.47
N GLU A 397 30.18 1.39 18.77
CA GLU A 397 29.45 2.38 19.58
C GLU A 397 30.21 3.68 19.64
N LYS A 398 29.44 4.76 19.70
CA LYS A 398 29.97 6.10 19.82
C LYS A 398 30.45 6.31 21.25
N GLY A 399 31.59 6.96 21.41
CA GLY A 399 32.17 7.20 22.73
C GLY A 399 33.23 8.29 22.76
N VAL A 400 33.90 8.41 23.89
CA VAL A 400 34.91 9.42 24.12
C VAL A 400 36.16 9.09 23.32
N LEU A 401 36.83 10.13 22.79
CA LEU A 401 38.04 9.93 22.01
C LEU A 401 39.32 9.77 22.85
N PHE A 402 40.25 8.98 22.33
CA PHE A 402 41.66 8.93 22.78
C PHE A 402 42.52 8.67 21.54
N ASN A 403 43.84 8.83 21.62
CA ASN A 403 44.72 8.68 20.44
C ASN A 403 44.47 9.67 19.31
N SER A 404 43.98 10.85 19.66
CA SER A 404 43.44 11.81 18.68
C SER A 404 43.96 13.26 18.89
N GLY A 405 45.01 13.41 19.69
CA GLY A 405 45.65 14.72 19.87
C GLY A 405 44.74 15.76 20.49
N GLU A 406 44.51 16.84 19.75
CA GLU A 406 43.57 17.91 20.14
C GLU A 406 42.31 17.39 20.82
N PHE A 407 41.77 16.32 20.22
CA PHE A 407 40.39 15.94 20.44
C PHE A 407 40.22 14.89 21.52
N ASN A 408 41.30 14.54 22.23
CA ASN A 408 41.21 13.62 23.34
C ASN A 408 40.28 14.17 24.42
N GLY A 409 39.46 13.28 24.98
CA GLY A 409 38.53 13.61 26.05
C GLY A 409 37.17 14.02 25.54
N LEU A 410 37.08 14.48 24.28
CA LEU A 410 35.79 14.93 23.71
C LEU A 410 34.85 13.74 23.60
N ASP A 411 33.61 13.92 24.03
CA ASP A 411 32.58 12.92 23.79
C ASP A 411 32.20 12.95 22.31
N HIS A 412 31.26 12.08 21.94
CA HIS A 412 30.85 11.97 20.55
C HIS A 412 30.39 13.28 19.89
N GLU A 413 29.41 13.95 20.48
CA GLU A 413 28.81 15.13 19.83
C GLU A 413 29.88 16.21 19.66
N ALA A 414 30.67 16.43 20.73
CA ALA A 414 31.76 17.41 20.72
C ALA A 414 32.89 17.02 19.75
N ALA A 415 33.24 15.74 19.71
CA ALA A 415 34.28 15.28 18.79
C ALA A 415 33.83 15.53 17.32
N PHE A 416 32.58 15.18 17.04
CA PHE A 416 32.02 15.27 15.69
C PHE A 416 32.10 16.72 15.23
N ASN A 417 31.62 17.62 16.09
CA ASN A 417 31.64 19.05 15.79
C ASN A 417 33.02 19.69 15.76
N ALA A 418 33.89 19.30 16.69
CA ALA A 418 35.22 19.91 16.78
C ALA A 418 36.00 19.59 15.49
N ILE A 419 36.02 18.31 15.12
CA ILE A 419 36.73 17.87 13.93
C ILE A 419 36.09 18.44 12.66
N ALA A 420 34.75 18.39 12.57
CA ALA A 420 34.05 19.01 11.44
C ALA A 420 34.43 20.47 11.33
N ASP A 421 34.40 21.21 12.45
CA ASP A 421 34.69 22.66 12.43
C ASP A 421 36.13 22.91 12.02
N LYS A 422 37.06 22.09 12.52
CA LYS A 422 38.47 22.30 12.18
C LYS A 422 38.70 22.11 10.69
N LEU A 423 38.15 21.05 10.11
CA LEU A 423 38.31 20.77 8.69
C LEU A 423 37.67 21.87 7.87
N THR A 424 36.46 22.27 8.27
CA THR A 424 35.76 23.35 7.58
C THR A 424 36.56 24.65 7.58
N ALA A 425 37.19 24.99 8.71
CA ALA A 425 37.97 26.23 8.80
C ALA A 425 39.25 26.13 7.97
N MET A 426 39.78 24.92 7.81
CA MET A 426 40.96 24.72 6.95
C MET A 426 40.58 24.61 5.47
N GLY A 427 39.29 24.72 5.13
CA GLY A 427 38.83 24.63 3.75
C GLY A 427 38.81 23.22 3.14
N VAL A 428 38.90 22.18 3.96
CA VAL A 428 38.96 20.79 3.46
C VAL A 428 37.83 19.92 3.98
N GLY A 429 36.88 20.53 4.68
CA GLY A 429 35.68 19.84 5.09
C GLY A 429 34.46 20.73 5.01
N GLU A 430 33.31 20.09 4.84
CA GLU A 430 32.03 20.74 5.00
C GLU A 430 30.96 19.74 5.36
N ARG A 431 30.04 20.21 6.19
CA ARG A 431 28.90 19.45 6.59
C ARG A 431 28.06 19.21 5.34
N LYS A 432 27.49 18.01 5.27
CA LYS A 432 26.82 17.52 4.08
C LYS A 432 25.72 16.61 4.54
N VAL A 433 24.50 16.93 4.07
CA VAL A 433 23.35 16.06 4.24
C VAL A 433 23.16 15.22 2.98
N ASN A 434 23.33 13.92 3.10
CA ASN A 434 22.97 13.03 2.00
C ASN A 434 21.66 12.26 2.26
N TYR A 435 21.15 11.65 1.20
CA TYR A 435 19.98 10.81 1.27
C TYR A 435 20.27 9.48 0.61
N ARG A 436 19.71 8.41 1.16
CA ARG A 436 19.72 7.12 0.48
C ARG A 436 18.86 7.19 -0.78
N LEU A 437 17.71 7.84 -0.66
CA LEU A 437 16.85 8.22 -1.79
C LEU A 437 17.63 8.76 -2.99
N ARG A 438 17.49 8.08 -4.13
CA ARG A 438 18.07 8.50 -5.40
C ARG A 438 17.07 9.39 -6.12
N ASP A 439 17.54 10.22 -7.05
CA ASP A 439 16.60 10.96 -7.86
C ASP A 439 15.83 10.00 -8.75
N TRP A 440 14.69 10.47 -9.21
CA TRP A 440 13.73 9.62 -9.83
C TRP A 440 14.04 9.49 -11.31
N GLY A 441 14.48 8.32 -11.73
CA GLY A 441 14.78 8.08 -13.14
C GLY A 441 13.51 7.73 -13.84
N VAL A 442 13.03 8.63 -14.71
CA VAL A 442 11.71 8.51 -15.30
C VAL A 442 11.70 8.12 -16.78
N SER A 443 12.85 7.86 -17.38
CA SER A 443 12.86 7.44 -18.79
C SER A 443 13.12 5.94 -19.02
N ARG A 444 12.47 5.38 -20.03
CA ARG A 444 12.58 3.97 -20.36
C ARG A 444 12.81 3.81 -21.88
N GLN A 445 13.56 2.80 -22.27
CA GLN A 445 13.77 2.54 -23.67
C GLN A 445 12.67 1.61 -24.09
N ARG A 446 11.43 2.05 -23.91
CA ARG A 446 10.27 1.26 -24.24
C ARG A 446 9.33 2.06 -25.14
N TYR A 447 8.61 1.36 -26.02
CA TYR A 447 7.58 1.96 -26.87
C TYR A 447 6.30 2.33 -26.10
N TRP A 448 5.77 1.41 -25.29
CA TRP A 448 4.42 1.55 -24.78
C TRP A 448 4.36 2.34 -23.49
N GLY A 449 4.51 3.65 -23.66
CA GLY A 449 4.51 4.63 -22.58
C GLY A 449 4.36 6.02 -23.17
N ALA A 450 4.21 7.02 -22.31
CA ALA A 450 3.98 8.39 -22.76
C ALA A 450 5.31 9.01 -23.26
N PRO A 451 5.29 9.62 -24.42
CA PRO A 451 6.52 10.21 -24.90
C PRO A 451 7.04 11.32 -24.00
N ILE A 452 8.36 11.37 -23.83
CA ILE A 452 9.02 12.40 -23.04
C ILE A 452 9.12 13.67 -23.88
N PRO A 453 8.56 14.80 -23.39
CA PRO A 453 8.48 16.01 -24.22
C PRO A 453 9.78 16.83 -24.19
N MET A 454 10.85 16.26 -24.72
CA MET A 454 12.13 16.94 -24.85
C MET A 454 12.68 16.72 -26.25
N VAL A 455 13.60 17.60 -26.63
CA VAL A 455 14.08 17.67 -27.99
C VAL A 455 15.56 18.08 -28.03
N THR A 456 16.30 17.52 -28.99
CA THR A 456 17.66 17.93 -29.28
C THR A 456 17.76 18.64 -30.64
N LEU A 457 17.83 19.98 -30.62
CA LEU A 457 18.10 20.77 -31.82
C LEU A 457 19.40 20.33 -32.46
N GLU A 458 19.62 20.69 -33.73
CA GLU A 458 20.88 20.32 -34.42
C GLU A 458 22.09 21.05 -33.86
N ASP A 459 21.84 22.20 -33.26
CA ASP A 459 22.74 22.87 -32.29
C ASP A 459 23.49 21.92 -31.37
N GLY A 460 22.82 20.84 -30.97
CA GLY A 460 23.26 20.07 -29.83
C GLY A 460 22.57 20.60 -28.58
N THR A 461 21.89 21.75 -28.68
CA THR A 461 21.17 22.29 -27.54
C THR A 461 19.87 21.53 -27.29
N VAL A 462 19.49 21.48 -26.02
CA VAL A 462 18.37 20.68 -25.57
C VAL A 462 17.34 21.56 -24.87
N MET A 463 16.08 21.39 -25.26
CA MET A 463 14.98 22.07 -24.61
C MET A 463 13.69 21.23 -24.65
N PRO A 464 12.65 21.67 -23.92
CA PRO A 464 11.38 20.97 -23.97
C PRO A 464 10.63 21.12 -25.27
N THR A 465 9.73 20.18 -25.54
CA THR A 465 8.79 20.32 -26.62
C THR A 465 7.89 21.54 -26.36
N PRO A 466 7.79 22.45 -27.33
CA PRO A 466 6.96 23.65 -27.21
C PRO A 466 5.50 23.36 -26.88
N ASP A 467 4.86 24.28 -26.16
CA ASP A 467 3.46 24.13 -25.73
C ASP A 467 2.54 23.81 -26.88
N ASP A 468 2.71 24.51 -27.99
CA ASP A 468 1.84 24.33 -29.15
C ASP A 468 2.09 23.02 -29.91
N GLN A 469 3.06 22.21 -29.46
CA GLN A 469 3.26 20.86 -29.98
C GLN A 469 2.86 19.77 -28.99
N LEU A 470 2.21 20.13 -27.89
CA LEU A 470 1.73 19.13 -26.94
C LEU A 470 0.25 18.83 -27.17
N PRO A 471 -0.16 17.55 -27.00
CA PRO A 471 0.71 16.44 -26.62
C PRO A 471 1.55 15.93 -27.77
N VAL A 472 2.70 15.35 -27.42
CA VAL A 472 3.45 14.45 -28.27
C VAL A 472 2.77 13.06 -28.16
N ILE A 473 2.13 12.66 -29.25
CA ILE A 473 1.25 11.50 -29.28
C ILE A 473 2.05 10.25 -29.61
N LEU A 474 1.83 9.17 -28.86
CA LEU A 474 2.44 7.91 -29.19
C LEU A 474 1.58 7.28 -30.29
N PRO A 475 2.19 7.01 -31.46
CA PRO A 475 1.36 6.39 -32.47
C PRO A 475 0.99 4.96 -32.04
N GLU A 476 -0.30 4.64 -32.11
CA GLU A 476 -0.82 3.35 -31.66
C GLU A 476 -0.84 2.30 -32.76
N ASP A 477 -0.80 2.74 -34.02
CA ASP A 477 -0.81 1.81 -35.13
C ASP A 477 0.63 1.41 -35.54
N VAL A 478 1.12 0.31 -34.97
CA VAL A 478 2.50 -0.09 -35.15
C VAL A 478 2.62 -1.62 -35.24
N VAL A 479 3.64 -2.10 -35.94
CA VAL A 479 4.07 -3.50 -35.85
C VAL A 479 5.33 -3.57 -34.96
N MET A 480 5.34 -4.47 -33.96
CA MET A 480 6.50 -4.65 -33.08
C MET A 480 7.41 -5.73 -33.66
N ASP A 481 8.66 -5.40 -33.96
CA ASP A 481 9.62 -6.43 -34.33
C ASP A 481 10.15 -7.18 -33.10
N GLY A 482 9.75 -6.76 -31.90
CA GLY A 482 10.19 -7.42 -30.68
C GLY A 482 11.57 -6.99 -30.17
N ILE A 483 12.32 -6.27 -30.99
CA ILE A 483 13.69 -5.89 -30.67
C ILE A 483 13.79 -4.39 -30.38
N THR A 484 13.28 -3.56 -31.29
CA THR A 484 13.38 -2.09 -31.16
C THR A 484 12.00 -1.42 -31.06
N SER A 485 11.92 -0.35 -30.28
CA SER A 485 10.72 0.45 -30.21
C SER A 485 10.38 0.96 -31.61
N PRO A 486 9.11 0.85 -32.01
CA PRO A 486 8.76 1.41 -33.30
C PRO A 486 9.17 2.87 -33.46
N ILE A 487 9.04 3.69 -32.42
CA ILE A 487 9.33 5.11 -32.59
C ILE A 487 10.83 5.43 -32.66
N LYS A 488 11.68 4.43 -32.34
CA LYS A 488 13.13 4.50 -32.63
C LYS A 488 13.46 3.89 -33.99
N ALA A 489 12.84 2.76 -34.32
CA ALA A 489 13.10 2.05 -35.60
C ALA A 489 12.82 2.92 -36.81
N ASP A 490 11.69 3.64 -36.81
CA ASP A 490 11.38 4.56 -37.90
C ASP A 490 12.15 5.83 -37.64
N PRO A 491 13.16 6.13 -38.47
CA PRO A 491 13.97 7.31 -38.15
C PRO A 491 13.26 8.62 -38.48
N GLU A 492 12.13 8.55 -39.20
CA GLU A 492 11.35 9.74 -39.51
C GLU A 492 10.54 10.24 -38.33
N TRP A 493 10.22 9.35 -37.40
CA TRP A 493 9.29 9.73 -36.33
C TRP A 493 9.92 10.77 -35.43
N ALA A 494 11.16 10.55 -35.03
CA ALA A 494 11.91 11.49 -34.19
C ALA A 494 12.10 12.86 -34.84
N LYS A 495 12.15 12.95 -36.18
CA LYS A 495 12.49 14.22 -36.87
C LYS A 495 11.34 15.22 -36.78
N THR A 496 11.64 16.40 -36.25
CA THR A 496 10.67 17.46 -36.05
C THR A 496 11.39 18.79 -36.26
N THR A 497 10.66 19.89 -36.18
CA THR A 497 11.28 21.20 -36.27
C THR A 497 10.90 22.00 -35.03
N VAL A 498 11.87 22.57 -34.35
CA VAL A 498 11.61 23.33 -33.14
C VAL A 498 12.27 24.70 -33.18
N ASN A 499 11.51 25.73 -32.86
CA ASN A 499 12.03 27.10 -32.82
C ASN A 499 12.73 27.47 -34.12
N GLY A 500 12.11 27.08 -35.23
CA GLY A 500 12.61 27.36 -36.56
C GLY A 500 13.76 26.45 -36.93
N MET A 501 14.03 25.48 -36.09
CA MET A 501 15.18 24.62 -36.30
C MET A 501 14.84 23.14 -36.33
N PRO A 502 15.55 22.40 -37.17
CA PRO A 502 15.37 20.96 -37.24
C PRO A 502 15.77 20.36 -35.92
N ALA A 503 15.04 19.36 -35.44
CA ALA A 503 15.35 18.73 -34.16
C ALA A 503 14.97 17.25 -34.09
N LEU A 504 15.62 16.51 -33.22
CA LEU A 504 15.24 15.13 -32.98
C LEU A 504 14.56 15.02 -31.62
N ARG A 505 13.35 14.52 -31.61
CA ARG A 505 12.62 14.46 -30.36
C ARG A 505 12.92 13.18 -29.61
N GLU A 506 12.72 13.24 -28.30
CA GLU A 506 13.01 12.10 -27.42
C GLU A 506 12.19 10.90 -27.87
N THR A 507 12.85 9.76 -27.80
CA THR A 507 12.37 8.50 -28.29
C THR A 507 12.06 7.59 -27.06
N ASP A 508 12.70 7.85 -25.93
CA ASP A 508 12.35 7.14 -24.71
C ASP A 508 10.98 7.61 -24.25
N THR A 509 10.34 6.81 -23.43
CA THR A 509 9.03 7.11 -22.86
C THR A 509 9.11 7.10 -21.34
N PHE A 510 8.14 7.73 -20.68
CA PHE A 510 8.07 7.79 -19.23
C PHE A 510 7.84 6.44 -18.59
N ASP A 511 8.41 6.18 -17.43
CA ASP A 511 8.04 4.98 -16.71
C ASP A 511 6.60 5.18 -16.23
N THR A 512 5.88 4.09 -16.10
CA THR A 512 4.46 4.11 -15.83
C THR A 512 4.09 4.74 -14.49
N PHE A 513 5.06 4.82 -13.58
CA PHE A 513 4.86 5.44 -12.29
C PHE A 513 4.51 6.90 -12.49
N MET A 514 4.94 7.47 -13.61
CA MET A 514 4.56 8.84 -13.92
C MET A 514 3.01 8.99 -13.93
N GLU A 515 2.30 8.07 -14.58
CA GLU A 515 0.84 8.20 -14.72
C GLU A 515 0.10 7.93 -13.41
N SER A 516 0.63 6.99 -12.63
CA SER A 516 -0.02 6.60 -11.41
C SER A 516 0.31 7.58 -10.27
N SER A 517 1.22 8.51 -10.50
CA SER A 517 1.55 9.47 -9.45
C SER A 517 0.50 10.59 -9.30
N TRP A 518 -0.42 10.75 -10.27
CA TRP A 518 -1.38 11.87 -10.25
C TRP A 518 -2.80 11.57 -10.69
N TYR A 519 -3.08 10.31 -11.03
CA TYR A 519 -4.43 9.93 -11.44
C TYR A 519 -5.45 10.23 -10.35
N TYR A 520 -5.09 10.04 -9.08
CA TYR A 520 -5.99 10.30 -7.95
C TYR A 520 -6.58 11.73 -8.00
N ALA A 521 -5.79 12.67 -8.49
CA ALA A 521 -6.20 14.06 -8.53
C ALA A 521 -7.02 14.35 -9.81
N ARG A 522 -6.63 13.74 -10.92
CA ARG A 522 -7.31 13.94 -12.19
C ARG A 522 -8.73 13.38 -12.16
N TYR A 523 -8.96 12.36 -11.34
CA TYR A 523 -10.31 11.85 -11.16
C TYR A 523 -11.30 12.95 -10.73
N THR A 524 -10.82 14.02 -10.10
CA THR A 524 -11.70 15.09 -9.64
C THR A 524 -12.20 15.95 -10.77
N CYS A 525 -11.48 15.97 -11.88
CA CYS A 525 -11.84 16.74 -13.06
C CYS A 525 -11.36 16.03 -14.33
N PRO A 526 -11.89 14.85 -14.59
CA PRO A 526 -11.40 14.01 -15.69
C PRO A 526 -11.52 14.66 -17.07
N GLN A 527 -12.58 15.42 -17.31
CA GLN A 527 -12.77 16.07 -18.59
C GLN A 527 -12.29 17.52 -18.70
N TYR A 528 -11.59 18.03 -17.70
CA TYR A 528 -11.16 19.43 -17.74
C TYR A 528 -10.09 19.62 -18.83
N LYS A 529 -10.39 20.51 -19.78
CA LYS A 529 -9.54 20.73 -20.93
C LYS A 529 -8.61 21.91 -20.80
N GLU A 530 -8.92 22.80 -19.87
CA GLU A 530 -8.14 24.00 -19.63
C GLU A 530 -6.74 23.76 -19.05
N GLY A 531 -6.63 22.77 -18.18
CA GLY A 531 -5.40 22.49 -17.47
C GLY A 531 -5.33 21.09 -16.94
N MET A 532 -4.20 20.74 -16.34
CA MET A 532 -4.02 19.42 -15.73
C MET A 532 -5.03 19.19 -14.61
N LEU A 533 -5.28 20.20 -13.80
CA LEU A 533 -6.31 20.11 -12.77
C LEU A 533 -7.16 21.37 -12.71
N ASP A 534 -8.41 21.20 -12.32
CA ASP A 534 -9.28 22.30 -12.05
C ASP A 534 -9.14 22.40 -10.54
N SER A 535 -8.55 23.48 -10.06
CA SER A 535 -8.16 23.58 -8.65
C SER A 535 -9.34 23.57 -7.67
N GLU A 536 -10.44 24.20 -8.08
CA GLU A 536 -11.63 24.25 -7.26
C GLU A 536 -12.22 22.85 -7.07
N ALA A 537 -12.22 22.06 -8.13
CA ALA A 537 -12.71 20.68 -8.08
C ALA A 537 -11.72 19.79 -7.32
N ALA A 538 -10.44 19.90 -7.60
CA ALA A 538 -9.43 19.08 -6.89
C ALA A 538 -9.47 19.33 -5.36
N ASN A 539 -9.49 20.61 -4.96
CA ASN A 539 -9.49 20.96 -3.55
C ASN A 539 -10.81 20.59 -2.85
N TYR A 540 -11.90 20.48 -3.59
CA TYR A 540 -13.17 20.04 -3.01
C TYR A 540 -13.04 18.61 -2.56
N TRP A 541 -12.48 17.76 -3.42
CA TRP A 541 -12.39 16.33 -3.17
C TRP A 541 -11.18 15.89 -2.35
N LEU A 542 -10.06 16.58 -2.53
CA LEU A 542 -8.83 16.18 -1.87
C LEU A 542 -8.73 16.81 -0.50
N PRO A 543 -7.98 16.19 0.41
CA PRO A 543 -7.25 14.95 0.20
C PRO A 543 -8.15 13.73 0.19
N VAL A 544 -7.73 12.68 -0.50
CA VAL A 544 -8.40 11.40 -0.42
C VAL A 544 -8.66 11.03 1.06
N ASP A 545 -9.89 10.66 1.37
CA ASP A 545 -10.22 10.23 2.74
C ASP A 545 -9.62 8.87 3.10
N ILE A 546 -9.72 7.91 2.19
CA ILE A 546 -9.11 6.61 2.44
C ILE A 546 -8.67 6.05 1.11
N TYR A 547 -7.47 5.52 1.13
CA TYR A 547 -6.78 4.94 -0.01
C TYR A 547 -6.46 3.49 0.35
N ILE A 548 -6.96 2.58 -0.48
CA ILE A 548 -6.88 1.17 -0.21
C ILE A 548 -6.06 0.47 -1.29
N GLY A 549 -5.10 -0.35 -0.88
CA GLY A 549 -4.20 -1.04 -1.82
C GLY A 549 -3.03 -1.65 -1.07
N GLY A 550 -2.31 -2.56 -1.72
CA GLY A 550 -1.39 -3.45 -1.04
C GLY A 550 -0.13 -2.77 -0.55
N ILE A 551 0.47 -3.33 0.49
CA ILE A 551 1.68 -2.76 1.10
C ILE A 551 2.95 -2.83 0.22
N GLU A 552 2.91 -3.60 -0.86
CA GLU A 552 4.04 -3.74 -1.77
C GLU A 552 4.42 -2.45 -2.51
N HIS A 553 3.50 -1.48 -2.49
CA HIS A 553 3.68 -0.18 -3.13
C HIS A 553 4.30 0.87 -2.23
N ALA A 554 4.67 0.49 -1.01
CA ALA A 554 5.02 1.45 0.01
C ALA A 554 6.17 2.39 -0.30
N ILE A 555 7.25 1.88 -0.87
CA ILE A 555 8.37 2.73 -1.16
C ILE A 555 8.44 3.24 -2.60
N MET A 556 7.51 2.82 -3.43
CA MET A 556 7.51 3.28 -4.81
C MET A 556 6.36 4.23 -5.07
N HIS A 557 5.20 3.69 -5.41
CA HIS A 557 4.07 4.52 -5.74
C HIS A 557 3.63 5.40 -4.58
N LEU A 558 3.68 4.86 -3.37
CA LEU A 558 3.16 5.53 -2.21
C LEU A 558 4.05 6.68 -1.81
N LEU A 559 5.31 6.64 -2.28
CA LEU A 559 6.20 7.78 -2.12
C LEU A 559 6.02 8.78 -3.28
N TYR A 560 6.00 8.26 -4.50
CA TYR A 560 5.93 9.13 -5.66
C TYR A 560 4.71 10.01 -5.65
N PHE A 561 3.56 9.48 -5.25
CA PHE A 561 2.33 10.25 -5.30
C PHE A 561 2.29 11.32 -4.24
N ARG A 562 3.07 11.16 -3.16
CA ARG A 562 3.25 12.20 -2.18
C ARG A 562 4.12 13.29 -2.75
N PHE A 563 5.25 12.91 -3.35
CA PHE A 563 6.11 13.85 -4.03
C PHE A 563 5.29 14.65 -5.07
N PHE A 564 4.55 13.94 -5.90
CA PHE A 564 3.81 14.57 -6.97
C PHE A 564 2.77 15.49 -6.41
N HIS A 565 2.14 15.11 -5.32
CA HIS A 565 1.18 15.99 -4.67
C HIS A 565 1.81 17.33 -4.30
N LYS A 566 3.02 17.25 -3.75
CA LYS A 566 3.74 18.41 -3.26
C LYS A 566 4.21 19.31 -4.42
N LEU A 567 4.57 18.68 -5.53
CA LEU A 567 4.89 19.45 -6.73
C LEU A 567 3.67 20.22 -7.19
N MET A 568 2.52 19.56 -7.20
CA MET A 568 1.29 20.21 -7.65
C MET A 568 0.90 21.32 -6.70
N ARG A 569 1.03 21.07 -5.40
CA ARG A 569 0.80 22.09 -4.42
C ARG A 569 1.64 23.32 -4.75
N ASP A 570 2.93 23.10 -5.01
CA ASP A 570 3.85 24.20 -5.19
C ASP A 570 3.67 24.89 -6.55
N ALA A 571 2.87 24.33 -7.44
CA ALA A 571 2.51 24.97 -8.70
C ALA A 571 1.15 25.70 -8.65
N GLY A 572 0.54 25.80 -7.46
CA GLY A 572 -0.77 26.46 -7.29
C GLY A 572 -1.98 25.57 -7.57
N MET A 573 -1.73 24.29 -7.88
CA MET A 573 -2.76 23.41 -8.42
C MET A 573 -3.71 22.82 -7.38
N VAL A 574 -3.17 22.62 -6.18
CA VAL A 574 -3.90 22.07 -5.07
C VAL A 574 -3.49 22.79 -3.82
N ASN A 575 -4.35 22.61 -2.83
CA ASN A 575 -4.39 23.35 -1.55
C ASN A 575 -3.68 22.74 -0.36
N SER A 576 -3.32 21.48 -0.47
CA SER A 576 -3.03 20.65 0.71
C SER A 576 -1.63 20.09 0.63
N ASP A 577 -1.15 19.51 1.73
CA ASP A 577 0.25 19.05 1.81
C ASP A 577 0.41 17.60 1.44
N GLU A 578 -0.62 16.81 1.76
CA GLU A 578 -0.60 15.36 1.57
C GLU A 578 -1.82 14.90 0.74
N PRO A 579 -1.62 13.89 -0.14
CA PRO A 579 -2.69 13.39 -1.01
C PRO A 579 -3.77 12.53 -0.36
N ALA A 580 -3.44 11.85 0.75
CA ALA A 580 -4.34 10.85 1.35
C ALA A 580 -4.24 10.85 2.88
N LYS A 581 -5.39 10.98 3.56
CA LYS A 581 -5.44 10.98 5.02
C LYS A 581 -5.15 9.60 5.58
N GLN A 582 -5.98 8.63 5.21
CA GLN A 582 -5.80 7.24 5.63
C GLN A 582 -5.29 6.36 4.48
N LEU A 583 -4.35 5.50 4.81
CA LEU A 583 -3.94 4.44 3.91
C LEU A 583 -4.31 3.14 4.57
N LEU A 584 -5.10 2.31 3.88
CA LEU A 584 -5.40 0.94 4.31
C LEU A 584 -4.80 -0.09 3.34
N CYS A 585 -3.86 -0.88 3.84
CA CYS A 585 -3.24 -1.91 3.06
C CYS A 585 -3.91 -3.25 3.33
N GLN A 586 -4.64 -3.74 2.35
CA GLN A 586 -5.40 -4.92 2.55
C GLN A 586 -4.46 -6.13 2.41
N GLY A 587 -4.72 -7.21 3.13
CA GLY A 587 -3.85 -8.39 3.11
C GLY A 587 -4.02 -9.21 1.84
N MET A 588 -3.00 -10.00 1.53
CA MET A 588 -3.04 -10.93 0.40
C MET A 588 -4.08 -12.01 0.58
N VAL A 589 -4.59 -12.52 -0.55
CA VAL A 589 -5.50 -13.67 -0.54
C VAL A 589 -4.68 -14.93 -0.73
N LEU A 590 -4.85 -15.90 0.16
CA LEU A 590 -4.09 -17.14 0.13
C LEU A 590 -4.97 -18.31 -0.31
N ALA A 591 -4.32 -19.34 -0.83
CA ALA A 591 -4.97 -20.59 -1.22
C ALA A 591 -4.05 -21.77 -0.91
N ASP A 592 -4.63 -22.91 -0.63
CA ASP A 592 -3.87 -24.16 -0.51
C ASP A 592 -3.00 -24.42 -1.75
N ALA A 593 -1.83 -25.01 -1.53
CA ALA A 593 -0.88 -25.31 -2.60
C ALA A 593 -0.41 -26.76 -2.42
N PHE A 594 -0.31 -27.51 -3.52
CA PHE A 594 0.14 -28.90 -3.52
C PHE A 594 1.13 -29.12 -4.64
N TYR A 595 2.04 -30.09 -4.46
CA TYR A 595 2.85 -30.57 -5.54
C TYR A 595 3.21 -32.03 -5.41
N TYR A 596 3.59 -32.65 -6.53
CA TYR A 596 4.20 -33.95 -6.49
C TYR A 596 5.57 -33.88 -7.17
N VAL A 597 6.38 -34.86 -6.87
CA VAL A 597 7.70 -35.00 -7.44
C VAL A 597 7.63 -36.06 -8.53
N GLY A 598 7.90 -35.68 -9.77
CA GLY A 598 7.99 -36.65 -10.87
C GLY A 598 9.17 -37.56 -10.76
N GLU A 599 9.22 -38.55 -11.65
CA GLU A 599 10.29 -39.52 -11.73
C GLU A 599 11.65 -38.85 -12.04
N ASN A 600 11.58 -37.64 -12.61
CA ASN A 600 12.78 -36.88 -12.99
C ASN A 600 13.29 -35.93 -11.87
N GLY A 601 12.58 -35.90 -10.75
CA GLY A 601 13.01 -35.17 -9.56
C GLY A 601 12.49 -33.77 -9.55
N GLU A 602 11.62 -33.45 -10.48
CA GLU A 602 11.13 -32.11 -10.63
C GLU A 602 9.79 -32.01 -9.92
N ARG A 603 9.56 -30.88 -9.26
CA ARG A 603 8.29 -30.59 -8.60
C ARG A 603 7.23 -30.15 -9.62
N ASN A 604 6.02 -30.72 -9.50
CA ASN A 604 4.87 -30.35 -10.33
C ASN A 604 3.75 -29.88 -9.46
N TRP A 605 3.40 -28.61 -9.58
CA TRP A 605 2.38 -28.03 -8.75
C TRP A 605 0.99 -28.34 -9.29
N VAL A 606 0.10 -28.74 -8.39
CA VAL A 606 -1.23 -29.21 -8.74
C VAL A 606 -2.21 -28.30 -8.02
N SER A 607 -3.17 -27.79 -8.79
CA SER A 607 -4.25 -26.94 -8.27
C SER A 607 -5.02 -27.65 -7.15
N PRO A 608 -5.34 -26.93 -6.08
CA PRO A 608 -6.17 -27.47 -5.02
C PRO A 608 -7.47 -28.07 -5.49
N VAL A 609 -8.11 -27.48 -6.50
CA VAL A 609 -9.29 -28.13 -7.12
C VAL A 609 -9.04 -29.62 -7.48
N ASP A 610 -7.82 -29.95 -7.93
CA ASP A 610 -7.48 -31.28 -8.44
C ASP A 610 -6.91 -32.24 -7.39
N ALA A 611 -6.83 -31.79 -6.14
CA ALA A 611 -6.34 -32.61 -5.04
C ALA A 611 -7.47 -33.44 -4.43
N ILE A 612 -7.32 -34.76 -4.41
CA ILE A 612 -8.20 -35.66 -3.69
C ILE A 612 -7.56 -35.88 -2.33
N VAL A 613 -8.09 -35.19 -1.33
CA VAL A 613 -7.48 -35.16 -0.01
C VAL A 613 -8.14 -36.15 0.92
N GLU A 614 -7.38 -36.66 1.88
CA GLU A 614 -7.91 -37.52 2.91
C GLU A 614 -7.60 -36.83 4.24
N ARG A 615 -8.64 -36.72 5.08
CA ARG A 615 -8.56 -36.01 6.34
C ARG A 615 -8.71 -36.93 7.52
N ASP A 616 -8.02 -36.60 8.61
CA ASP A 616 -8.15 -37.39 9.82
C ASP A 616 -9.43 -37.01 10.54
N GLU A 617 -9.74 -37.80 11.56
CA GLU A 617 -10.84 -37.55 12.50
C GLU A 617 -11.09 -36.08 12.81
N LYS A 618 -10.02 -35.28 12.90
CA LYS A 618 -10.13 -33.85 13.20
C LYS A 618 -10.08 -32.95 11.96
N GLY A 619 -10.29 -33.54 10.79
CA GLY A 619 -10.34 -32.77 9.54
C GLY A 619 -9.04 -32.28 8.94
N ARG A 620 -7.88 -32.58 9.53
CA ARG A 620 -6.61 -32.14 8.94
C ARG A 620 -6.26 -33.03 7.77
N ILE A 621 -5.63 -32.45 6.75
CA ILE A 621 -5.17 -33.21 5.57
C ILE A 621 -3.97 -34.09 5.93
N VAL A 622 -4.15 -35.39 5.79
CA VAL A 622 -3.10 -36.33 6.19
C VAL A 622 -2.52 -37.09 4.97
N LYS A 623 -3.28 -37.15 3.87
CA LYS A 623 -2.75 -37.60 2.58
C LYS A 623 -3.53 -37.00 1.40
N ALA A 624 -2.89 -36.97 0.24
CA ALA A 624 -3.44 -36.34 -0.92
C ALA A 624 -2.93 -36.98 -2.20
N LYS A 625 -3.78 -37.02 -3.21
CA LYS A 625 -3.45 -37.58 -4.51
C LYS A 625 -4.14 -36.80 -5.62
N ASP A 626 -3.59 -36.83 -6.83
CA ASP A 626 -4.34 -36.32 -7.98
C ASP A 626 -5.00 -37.50 -8.67
N ALA A 627 -5.83 -37.23 -9.67
CA ALA A 627 -6.56 -38.31 -10.37
C ALA A 627 -5.62 -39.26 -11.10
N ALA A 628 -4.46 -38.76 -11.55
CA ALA A 628 -3.45 -39.64 -12.16
C ALA A 628 -2.78 -40.58 -11.15
N GLY A 629 -2.98 -40.36 -9.86
CA GLY A 629 -2.38 -41.26 -8.85
C GLY A 629 -1.11 -40.73 -8.20
N HIS A 630 -0.68 -39.53 -8.57
CA HIS A 630 0.52 -38.93 -7.96
C HIS A 630 0.28 -38.62 -6.48
N GLU A 631 1.23 -39.02 -5.64
CA GLU A 631 1.23 -38.65 -4.24
C GLU A 631 1.60 -37.15 -4.10
N LEU A 632 0.72 -36.34 -3.52
CA LEU A 632 0.94 -34.90 -3.41
C LEU A 632 1.40 -34.50 -2.01
N VAL A 633 2.25 -33.48 -1.93
CA VAL A 633 2.57 -32.93 -0.64
C VAL A 633 1.87 -31.61 -0.54
N TYR A 634 1.15 -31.48 0.56
CA TYR A 634 0.41 -30.31 0.92
C TYR A 634 1.39 -29.35 1.58
N THR A 635 1.42 -28.11 1.13
CA THR A 635 2.39 -27.13 1.59
C THR A 635 1.69 -26.03 2.35
N GLY A 636 0.37 -26.06 2.42
CA GLY A 636 -0.34 -25.16 3.30
C GLY A 636 -0.93 -24.01 2.55
N MET A 637 -1.45 -23.04 3.28
CA MET A 637 -2.02 -21.86 2.67
C MET A 637 -0.88 -21.00 2.15
N SER A 638 -0.93 -20.58 0.90
CA SER A 638 0.13 -19.72 0.39
C SER A 638 -0.41 -18.70 -0.57
N LYS A 639 0.43 -17.70 -0.82
CA LYS A 639 0.13 -16.66 -1.78
C LYS A 639 -0.23 -17.28 -3.11
N MET A 640 -1.27 -16.76 -3.78
CA MET A 640 -1.66 -17.28 -5.08
C MET A 640 -0.65 -16.88 -6.17
N SER A 641 -0.41 -17.81 -7.07
CA SER A 641 0.67 -17.70 -8.02
C SER A 641 0.34 -18.57 -9.22
N LYS A 642 0.91 -18.27 -10.37
CA LYS A 642 0.85 -19.21 -11.48
C LYS A 642 1.89 -20.33 -11.33
N SER A 643 2.98 -20.04 -10.61
CA SER A 643 4.05 -21.01 -10.36
C SER A 643 3.60 -22.14 -9.42
N LYS A 644 2.81 -21.80 -8.41
CA LYS A 644 2.26 -22.80 -7.49
C LYS A 644 0.93 -23.33 -7.98
N ASN A 645 0.46 -22.77 -9.09
CA ASN A 645 -0.75 -23.24 -9.73
C ASN A 645 -2.01 -23.24 -8.85
N ASN A 646 -2.05 -22.35 -7.86
CA ASN A 646 -3.14 -22.31 -6.89
C ASN A 646 -4.03 -21.07 -6.99
N GLY A 647 -3.98 -20.35 -8.10
CA GLY A 647 -4.81 -19.15 -8.25
C GLY A 647 -6.27 -19.51 -8.42
N ILE A 648 -7.15 -18.67 -7.88
CA ILE A 648 -8.59 -18.90 -7.96
C ILE A 648 -9.14 -17.75 -8.81
N ASP A 649 -9.91 -18.08 -9.84
CA ASP A 649 -10.44 -17.10 -10.79
C ASP A 649 -11.75 -16.52 -10.23
N PRO A 650 -11.77 -15.22 -9.88
CA PRO A 650 -13.00 -14.63 -9.34
C PRO A 650 -14.21 -14.75 -10.29
N GLN A 651 -13.98 -14.71 -11.60
CA GLN A 651 -15.07 -14.85 -12.58
C GLN A 651 -15.80 -16.18 -12.43
N VAL A 652 -15.03 -17.24 -12.21
CA VAL A 652 -15.60 -18.55 -11.95
C VAL A 652 -16.48 -18.54 -10.68
N MET A 653 -16.02 -17.88 -9.63
CA MET A 653 -16.75 -17.83 -8.37
C MET A 653 -17.98 -16.93 -8.47
N VAL A 654 -17.90 -15.84 -9.25
CA VAL A 654 -19.05 -14.95 -9.46
C VAL A 654 -20.15 -15.71 -10.21
N GLU A 655 -19.77 -16.48 -11.24
CA GLU A 655 -20.74 -17.25 -12.01
C GLU A 655 -21.29 -18.42 -11.22
N ARG A 656 -20.45 -19.01 -10.34
CA ARG A 656 -20.90 -20.11 -9.49
C ARG A 656 -21.89 -19.69 -8.38
N TYR A 657 -21.63 -18.58 -7.69
CA TYR A 657 -22.34 -18.19 -6.48
C TYR A 657 -23.05 -16.84 -6.50
N GLY A 658 -22.73 -15.99 -7.47
CA GLY A 658 -23.19 -14.62 -7.45
C GLY A 658 -22.12 -13.72 -6.82
N ALA A 659 -22.08 -12.47 -7.30
CA ALA A 659 -21.16 -11.49 -6.83
C ALA A 659 -21.35 -11.27 -5.34
N ASP A 660 -22.60 -11.21 -4.88
CA ASP A 660 -22.85 -10.93 -3.46
C ASP A 660 -22.19 -11.92 -2.49
N THR A 661 -22.24 -13.19 -2.86
CA THR A 661 -21.69 -14.24 -2.02
C THR A 661 -20.20 -14.05 -1.95
N VAL A 662 -19.56 -13.84 -3.10
CA VAL A 662 -18.10 -13.66 -3.15
C VAL A 662 -17.69 -12.42 -2.32
N ARG A 663 -18.45 -11.32 -2.43
CA ARG A 663 -18.13 -10.11 -1.66
C ARG A 663 -18.29 -10.36 -0.16
N LEU A 664 -19.36 -11.03 0.22
CA LEU A 664 -19.63 -11.28 1.62
C LEU A 664 -18.51 -12.12 2.21
N PHE A 665 -18.17 -13.23 1.55
CA PHE A 665 -17.12 -14.09 2.06
C PHE A 665 -15.82 -13.32 2.26
N MET A 666 -15.44 -12.53 1.27
CA MET A 666 -14.17 -11.79 1.31
C MET A 666 -14.11 -10.76 2.44
N MET A 667 -15.26 -10.20 2.80
CA MET A 667 -15.35 -9.24 3.90
C MET A 667 -15.50 -9.91 5.27
N PHE A 668 -16.01 -11.13 5.29
CA PHE A 668 -16.22 -11.90 6.54
C PHE A 668 -15.03 -12.73 7.00
N ALA A 669 -14.28 -13.29 6.06
CA ALA A 669 -13.32 -14.33 6.43
C ALA A 669 -12.22 -13.82 7.34
N SER A 670 -11.90 -12.53 7.28
CA SER A 670 -10.68 -12.07 7.93
C SER A 670 -10.62 -10.55 7.94
N PRO A 671 -9.90 -9.95 8.93
CA PRO A 671 -9.80 -8.49 8.98
C PRO A 671 -9.14 -7.97 7.71
N ALA A 672 -9.57 -6.81 7.26
CA ALA A 672 -9.10 -6.29 5.96
C ALA A 672 -7.58 -6.27 5.83
N ASP A 673 -6.87 -5.93 6.92
CA ASP A 673 -5.42 -5.83 6.87
C ASP A 673 -4.68 -7.16 7.09
N MET A 674 -5.38 -8.25 7.30
CA MET A 674 -4.71 -9.54 7.46
C MET A 674 -4.94 -10.39 6.24
N THR A 675 -4.12 -11.42 6.10
CA THR A 675 -4.25 -12.36 5.01
C THR A 675 -5.62 -13.04 5.08
N LEU A 676 -6.20 -13.34 3.92
CA LEU A 676 -7.45 -14.08 3.83
C LEU A 676 -7.21 -15.43 3.19
N GLU A 677 -7.66 -16.48 3.86
CA GLU A 677 -7.50 -17.82 3.37
C GLU A 677 -8.76 -18.18 2.58
N TRP A 678 -8.60 -18.43 1.30
CA TRP A 678 -9.75 -18.78 0.47
C TRP A 678 -10.15 -20.20 0.80
N GLN A 679 -11.41 -20.38 1.20
CA GLN A 679 -11.96 -21.72 1.51
C GLN A 679 -13.29 -21.82 0.79
N GLU A 680 -13.42 -22.77 -0.12
CA GLU A 680 -14.69 -22.99 -0.80
C GLU A 680 -15.82 -23.28 0.21
N SER A 681 -15.50 -23.96 1.29
CA SER A 681 -16.51 -24.24 2.29
C SER A 681 -16.97 -22.96 2.99
N GLY A 682 -16.06 -21.99 3.09
CA GLY A 682 -16.40 -20.68 3.60
C GLY A 682 -17.32 -19.91 2.68
N VAL A 683 -17.04 -19.93 1.36
CA VAL A 683 -17.87 -19.24 0.36
C VAL A 683 -19.27 -19.83 0.35
N GLU A 684 -19.35 -21.15 0.53
CA GLU A 684 -20.62 -21.84 0.57
C GLU A 684 -21.43 -21.40 1.77
N GLY A 685 -20.77 -21.23 2.91
CA GLY A 685 -21.38 -20.74 4.14
C GLY A 685 -22.02 -19.39 3.96
N ALA A 686 -21.29 -18.49 3.30
CA ALA A 686 -21.79 -17.18 2.97
C ALA A 686 -23.03 -17.30 2.07
N ASN A 687 -22.98 -18.23 1.11
CA ASN A 687 -24.08 -18.43 0.19
C ASN A 687 -25.33 -18.90 0.91
N ARG A 688 -25.15 -19.77 1.89
CA ARG A 688 -26.29 -20.25 2.69
C ARG A 688 -26.86 -19.15 3.57
N PHE A 689 -25.99 -18.28 4.09
CA PHE A 689 -26.47 -17.19 4.91
C PHE A 689 -27.42 -16.29 4.13
N LEU A 690 -27.02 -15.85 2.94
CA LEU A 690 -27.86 -14.99 2.11
C LEU A 690 -29.18 -15.66 1.74
N LYS A 691 -29.14 -16.98 1.52
CA LYS A 691 -30.36 -17.73 1.32
C LYS A 691 -31.23 -17.70 2.56
N ARG A 692 -30.66 -17.75 3.76
CA ARG A 692 -31.48 -17.68 4.97
C ARG A 692 -32.11 -16.29 5.11
N VAL A 693 -31.36 -15.27 4.74
CA VAL A 693 -31.87 -13.91 4.78
C VAL A 693 -32.99 -13.78 3.75
N TRP A 694 -32.76 -14.25 2.53
CA TRP A 694 -33.82 -14.22 1.52
C TRP A 694 -35.10 -14.95 2.03
N LYS A 695 -34.88 -16.13 2.60
CA LYS A 695 -35.95 -16.97 3.13
C LYS A 695 -36.82 -16.24 4.15
N LEU A 696 -36.19 -15.60 5.12
CA LEU A 696 -36.91 -14.87 6.17
C LEU A 696 -37.71 -13.67 5.62
N VAL A 697 -37.14 -12.92 4.67
CA VAL A 697 -37.92 -11.83 4.04
C VAL A 697 -39.08 -12.37 3.22
N TYR A 698 -38.91 -13.56 2.64
CA TYR A 698 -39.93 -14.19 1.82
C TYR A 698 -41.14 -14.64 2.64
N GLU A 699 -40.89 -15.15 3.84
CA GLU A 699 -41.97 -15.59 4.72
C GLU A 699 -42.68 -14.41 5.37
N HIS A 700 -41.90 -13.42 5.77
CA HIS A 700 -42.45 -12.22 6.36
C HIS A 700 -43.34 -11.49 5.36
N THR A 701 -42.82 -11.17 4.18
CA THR A 701 -43.58 -10.41 3.21
C THR A 701 -44.77 -11.22 2.70
N ALA A 702 -44.64 -12.54 2.67
CA ALA A 702 -45.75 -13.39 2.20
C ALA A 702 -47.02 -13.11 3.01
N LYS A 703 -46.86 -12.77 4.29
CA LYS A 703 -47.98 -12.39 5.17
C LYS A 703 -48.49 -10.95 4.98
N GLY A 704 -47.98 -10.24 3.98
CA GLY A 704 -48.54 -8.94 3.62
C GLY A 704 -48.13 -7.78 4.50
N ASP A 705 -48.83 -6.66 4.35
CA ASP A 705 -48.51 -5.43 5.06
C ASP A 705 -48.66 -5.58 6.58
N VAL A 706 -48.04 -4.64 7.28
CA VAL A 706 -47.91 -4.70 8.74
C VAL A 706 -48.54 -3.46 9.35
N ALA A 707 -48.97 -3.57 10.60
CA ALA A 707 -49.47 -2.42 11.34
C ALA A 707 -48.29 -1.54 11.71
N ALA A 708 -48.56 -0.28 12.00
CA ALA A 708 -47.54 0.60 12.59
C ALA A 708 -47.11 0.00 13.91
N LEU A 709 -45.83 0.15 14.24
CA LEU A 709 -45.30 -0.40 15.48
C LEU A 709 -45.67 0.51 16.64
N ASN A 710 -46.15 -0.08 17.72
CA ASN A 710 -46.50 0.67 18.90
C ASN A 710 -45.50 0.35 20.02
N VAL A 711 -44.52 1.22 20.19
CA VAL A 711 -43.41 0.97 21.13
C VAL A 711 -43.84 0.90 22.62
N ASP A 712 -44.94 1.60 22.97
CA ASP A 712 -45.41 1.66 24.37
C ASP A 712 -46.07 0.34 24.79
N ALA A 713 -46.84 -0.23 23.88
CA ALA A 713 -47.57 -1.47 24.14
C ALA A 713 -46.75 -2.76 23.91
N LEU A 714 -45.47 -2.65 23.52
CA LEU A 714 -44.65 -3.86 23.31
C LEU A 714 -44.50 -4.69 24.60
N THR A 715 -44.45 -6.01 24.40
CA THR A 715 -44.19 -7.01 25.45
C THR A 715 -42.74 -7.01 25.90
N GLU A 716 -42.46 -7.58 27.08
CA GLU A 716 -41.08 -7.71 27.57
C GLU A 716 -40.20 -8.46 26.55
N ASN A 717 -40.73 -9.54 26.00
CA ASN A 717 -40.03 -10.29 24.96
C ASN A 717 -39.79 -9.41 23.76
N GLN A 718 -40.86 -8.75 23.32
CA GLN A 718 -40.79 -7.86 22.18
C GLN A 718 -39.78 -6.71 22.40
N LYS A 719 -39.78 -6.09 23.58
CA LYS A 719 -38.82 -5.03 23.95
C LYS A 719 -37.38 -5.50 23.91
N ALA A 720 -37.11 -6.63 24.54
CA ALA A 720 -35.74 -7.22 24.51
C ALA A 720 -35.28 -7.62 23.10
N LEU A 721 -36.17 -8.16 22.27
CA LEU A 721 -35.80 -8.42 20.87
C LEU A 721 -35.45 -7.09 20.18
N ARG A 722 -36.27 -6.06 20.41
CA ARG A 722 -36.04 -4.74 19.81
C ARG A 722 -34.71 -4.17 20.29
N ARG A 723 -34.42 -4.34 21.58
CA ARG A 723 -33.16 -3.86 22.12
C ARG A 723 -31.98 -4.47 21.35
N ASP A 724 -32.04 -5.78 21.07
CA ASP A 724 -30.97 -6.44 20.31
C ASP A 724 -30.85 -5.96 18.89
N VAL A 725 -31.96 -5.63 18.24
CA VAL A 725 -31.90 -5.06 16.90
C VAL A 725 -31.07 -3.77 16.96
N HIS A 726 -31.39 -2.92 17.92
CA HIS A 726 -30.80 -1.60 18.01
C HIS A 726 -29.35 -1.61 18.50
N LYS A 727 -29.07 -2.46 19.46
CA LYS A 727 -27.68 -2.70 19.86
C LYS A 727 -26.82 -3.20 18.69
N THR A 728 -27.39 -4.04 17.83
CA THR A 728 -26.70 -4.51 16.64
C THR A 728 -26.42 -3.37 15.64
N ILE A 729 -27.42 -2.50 15.44
CA ILE A 729 -27.25 -1.30 14.61
C ILE A 729 -26.07 -0.46 15.10
N ALA A 730 -25.99 -0.26 16.42
CA ALA A 730 -24.90 0.51 17.04
C ALA A 730 -23.57 -0.17 16.81
N LYS A 731 -23.48 -1.44 17.16
CA LYS A 731 -22.20 -2.13 17.00
C LYS A 731 -21.75 -2.17 15.55
N VAL A 732 -22.68 -2.43 14.63
CA VAL A 732 -22.33 -2.54 13.21
C VAL A 732 -21.88 -1.17 12.70
N THR A 733 -22.58 -0.11 13.11
CA THR A 733 -22.17 1.27 12.78
C THR A 733 -20.75 1.58 13.22
N ASP A 734 -20.43 1.24 14.47
CA ASP A 734 -19.10 1.46 15.03
C ASP A 734 -18.03 0.58 14.36
N ASP A 735 -18.34 -0.69 14.08
CA ASP A 735 -17.37 -1.57 13.41
C ASP A 735 -17.06 -1.09 12.01
N ILE A 736 -18.07 -0.68 11.26
CA ILE A 736 -17.83 -0.25 9.90
C ILE A 736 -17.22 1.15 9.85
N GLY A 737 -17.77 2.07 10.63
CA GLY A 737 -17.44 3.47 10.51
C GLY A 737 -16.16 3.88 11.20
N ARG A 738 -15.89 3.34 12.38
CA ARG A 738 -14.75 3.75 13.16
C ARG A 738 -13.67 2.67 13.20
N ARG A 739 -13.99 1.48 13.65
CA ARG A 739 -12.95 0.43 13.82
C ARG A 739 -12.50 -0.20 12.50
N GLN A 740 -13.30 -0.02 11.47
CA GLN A 740 -13.14 -0.72 10.19
C GLN A 740 -12.91 -2.24 10.35
N THR A 741 -13.64 -2.86 11.29
CA THR A 741 -13.59 -4.29 11.50
C THR A 741 -14.81 -4.93 10.84
N PHE A 742 -14.70 -5.18 9.56
CA PHE A 742 -15.85 -5.59 8.73
C PHE A 742 -16.29 -7.01 9.07
N ASN A 743 -15.34 -7.86 9.42
CA ASN A 743 -15.65 -9.24 9.72
C ASN A 743 -16.53 -9.34 10.97
N THR A 744 -16.20 -8.59 12.01
CA THR A 744 -17.07 -8.62 13.19
C THR A 744 -18.39 -7.90 12.95
N ALA A 745 -18.44 -6.94 12.02
CA ALA A 745 -19.72 -6.30 11.71
C ALA A 745 -20.66 -7.32 11.11
N ILE A 746 -20.15 -8.10 10.18
CA ILE A 746 -20.98 -9.14 9.55
C ILE A 746 -21.39 -10.17 10.57
N ALA A 747 -20.46 -10.53 11.47
CA ALA A 747 -20.73 -11.48 12.55
C ALA A 747 -21.91 -11.03 13.38
N ALA A 748 -21.96 -9.72 13.67
CA ALA A 748 -23.05 -9.14 14.49
C ALA A 748 -24.38 -9.23 13.76
N ILE A 749 -24.37 -8.98 12.45
CA ILE A 749 -25.59 -9.12 11.65
C ILE A 749 -26.02 -10.62 11.65
N MET A 750 -25.09 -11.52 11.42
CA MET A 750 -25.44 -12.95 11.47
C MET A 750 -26.10 -13.35 12.79
N GLU A 751 -25.58 -12.83 13.88
CA GLU A 751 -26.05 -13.20 15.22
C GLU A 751 -27.48 -12.70 15.47
N LEU A 752 -27.80 -11.49 15.05
CA LEU A 752 -29.16 -10.98 15.12
C LEU A 752 -30.10 -11.77 14.18
N MET A 753 -29.63 -12.08 12.98
CA MET A 753 -30.44 -12.88 12.05
C MET A 753 -30.82 -14.21 12.69
N ASN A 754 -29.87 -14.85 13.38
CA ASN A 754 -30.17 -16.10 14.10
C ASN A 754 -31.29 -15.88 15.13
N LYS A 755 -31.23 -14.79 15.88
CA LYS A 755 -32.32 -14.43 16.81
C LYS A 755 -33.64 -14.15 16.07
N LEU A 756 -33.57 -13.40 14.96
CA LEU A 756 -34.78 -13.05 14.23
C LEU A 756 -35.45 -14.26 13.61
N ALA A 757 -34.67 -15.24 13.17
CA ALA A 757 -35.25 -16.47 12.58
C ALA A 757 -36.08 -17.27 13.59
N LYS A 758 -35.93 -16.98 14.88
CA LYS A 758 -36.70 -17.67 15.93
C LYS A 758 -37.88 -16.87 16.48
N ALA A 759 -37.94 -15.57 16.20
CA ALA A 759 -39.01 -14.73 16.72
C ALA A 759 -40.35 -15.11 16.11
N PRO A 760 -41.46 -14.94 16.87
CA PRO A 760 -42.78 -15.27 16.37
C PRO A 760 -43.28 -14.19 15.42
N THR A 761 -44.09 -14.56 14.45
CA THR A 761 -44.58 -13.60 13.44
C THR A 761 -46.05 -13.79 13.08
N ASP A 762 -46.88 -13.90 14.10
CA ASP A 762 -48.33 -14.06 13.93
C ASP A 762 -49.13 -12.84 14.40
N GLY A 763 -48.81 -12.31 15.57
CA GLY A 763 -49.42 -11.05 16.05
C GLY A 763 -49.02 -9.83 15.25
N GLU A 764 -49.88 -8.80 15.24
CA GLU A 764 -49.59 -7.57 14.51
C GLU A 764 -48.28 -6.92 14.93
N GLN A 765 -48.05 -6.84 16.24
CA GLN A 765 -46.86 -6.23 16.81
C GLN A 765 -45.60 -7.02 16.52
N ASP A 766 -45.70 -8.34 16.57
CA ASP A 766 -44.56 -9.17 16.20
C ASP A 766 -44.17 -8.87 14.76
N ARG A 767 -45.16 -8.78 13.88
CA ARG A 767 -44.90 -8.54 12.46
C ARG A 767 -44.38 -7.12 12.18
N ALA A 768 -44.88 -6.11 12.88
CA ALA A 768 -44.33 -4.75 12.78
C ALA A 768 -42.90 -4.66 13.31
N LEU A 769 -42.58 -5.39 14.37
CA LEU A 769 -41.20 -5.44 14.87
C LEU A 769 -40.28 -6.05 13.79
N MET A 770 -40.69 -7.20 13.27
CA MET A 770 -39.93 -7.92 12.26
C MET A 770 -39.63 -7.00 11.07
N GLN A 771 -40.63 -6.19 10.71
CA GLN A 771 -40.49 -5.20 9.65
C GLN A 771 -39.37 -4.22 9.96
N GLU A 772 -39.39 -3.66 11.16
CA GLU A 772 -38.35 -2.73 11.56
C GLU A 772 -37.00 -3.44 11.42
N ALA A 773 -36.89 -4.61 12.04
CA ALA A 773 -35.66 -5.42 12.04
C ALA A 773 -35.12 -5.70 10.64
N LEU A 774 -35.97 -6.24 9.78
CA LEU A 774 -35.55 -6.64 8.42
C LEU A 774 -35.14 -5.45 7.57
N LEU A 775 -35.90 -4.35 7.62
CA LEU A 775 -35.50 -3.10 6.97
C LEU A 775 -34.14 -2.59 7.47
N ALA A 776 -33.80 -2.87 8.73
CA ALA A 776 -32.50 -2.47 9.27
C ALA A 776 -31.42 -3.43 8.78
N VAL A 777 -31.71 -4.73 8.84
CA VAL A 777 -30.75 -5.75 8.44
C VAL A 777 -30.42 -5.60 6.98
N VAL A 778 -31.45 -5.42 6.14
CA VAL A 778 -31.22 -5.32 4.71
C VAL A 778 -30.29 -4.10 4.43
N ARG A 779 -30.46 -3.02 5.18
CA ARG A 779 -29.60 -1.86 5.06
C ARG A 779 -28.19 -2.15 5.59
N MET A 780 -28.08 -2.80 6.75
CA MET A 780 -26.75 -3.09 7.30
C MET A 780 -25.87 -3.97 6.38
N LEU A 781 -26.52 -4.89 5.69
CA LEU A 781 -25.86 -5.78 4.77
C LEU A 781 -25.56 -5.10 3.41
N ASN A 782 -26.31 -4.05 3.09
CA ASN A 782 -26.25 -3.49 1.74
C ASN A 782 -24.84 -3.11 1.24
N PRO A 783 -23.97 -2.54 2.10
CA PRO A 783 -22.62 -2.26 1.58
C PRO A 783 -21.85 -3.53 1.18
N PHE A 784 -22.19 -4.66 1.78
CA PHE A 784 -21.50 -5.93 1.49
C PHE A 784 -22.11 -6.63 0.26
N THR A 785 -23.45 -6.68 0.25
CA THR A 785 -24.20 -7.48 -0.71
C THR A 785 -25.35 -6.65 -1.28
N PRO A 786 -25.03 -5.62 -2.08
CA PRO A 786 -26.04 -4.68 -2.49
C PRO A 786 -27.07 -5.16 -3.50
N HIS A 787 -26.80 -6.22 -4.27
CA HIS A 787 -27.77 -6.69 -5.28
C HIS A 787 -28.98 -7.31 -4.60
N ILE A 788 -28.73 -8.27 -3.74
CA ILE A 788 -29.80 -8.89 -2.95
C ILE A 788 -30.51 -7.86 -2.05
N CYS A 789 -29.75 -6.95 -1.44
CA CYS A 789 -30.35 -5.97 -0.56
C CYS A 789 -31.18 -4.93 -1.31
N PHE A 790 -30.78 -4.60 -2.54
CA PHE A 790 -31.55 -3.71 -3.40
C PHE A 790 -32.93 -4.31 -3.68
N THR A 791 -32.94 -5.60 -3.99
CA THR A 791 -34.17 -6.32 -4.30
C THR A 791 -35.01 -6.55 -3.05
N LEU A 792 -34.37 -7.02 -1.98
CA LEU A 792 -35.08 -7.22 -0.73
C LEU A 792 -35.74 -5.94 -0.17
N TRP A 793 -35.08 -4.79 -0.31
CA TRP A 793 -35.60 -3.53 0.17
C TRP A 793 -36.96 -3.22 -0.51
N GLN A 794 -37.03 -3.54 -1.81
CA GLN A 794 -38.23 -3.30 -2.59
C GLN A 794 -39.30 -4.21 -2.10
N GLU A 795 -38.96 -5.49 -1.95
CA GLU A 795 -39.91 -6.48 -1.45
C GLU A 795 -40.51 -6.03 -0.13
N LEU A 796 -39.67 -5.45 0.72
CA LEU A 796 -40.07 -4.90 2.00
C LEU A 796 -40.82 -3.55 1.91
N LYS A 797 -41.02 -3.06 0.69
CA LYS A 797 -41.68 -1.77 0.45
C LYS A 797 -40.96 -0.66 1.18
N GLY A 798 -39.63 -0.69 1.15
CA GLY A 798 -38.84 0.42 1.65
C GLY A 798 -38.98 1.61 0.73
N GLU A 799 -38.81 2.81 1.28
CA GLU A 799 -38.88 4.03 0.48
C GLU A 799 -37.69 4.14 -0.46
N GLY A 800 -37.96 4.29 -1.76
CA GLY A 800 -36.92 4.60 -2.76
C GLY A 800 -35.90 3.47 -2.93
N ASP A 801 -34.86 3.74 -3.70
CA ASP A 801 -33.81 2.76 -3.93
C ASP A 801 -32.92 2.70 -2.69
N ILE A 802 -32.54 1.47 -2.28
CA ILE A 802 -31.75 1.27 -1.07
C ILE A 802 -30.48 2.13 -1.04
N ASP A 803 -29.93 2.43 -2.22
CA ASP A 803 -28.69 3.20 -2.32
C ASP A 803 -28.79 4.64 -1.79
N ASN A 804 -29.97 5.26 -1.95
CA ASN A 804 -30.28 6.57 -1.34
C ASN A 804 -30.91 6.43 0.06
N ALA A 805 -31.10 5.22 0.56
CA ALA A 805 -31.79 5.04 1.86
C ALA A 805 -30.84 5.48 2.98
N PRO A 806 -31.40 5.96 4.10
CA PRO A 806 -30.49 6.38 5.18
C PRO A 806 -29.96 5.21 6.02
N TRP A 807 -28.70 5.29 6.43
CA TRP A 807 -28.13 4.27 7.30
C TRP A 807 -28.97 4.23 8.58
N PRO A 808 -29.30 3.03 9.10
CA PRO A 808 -30.09 2.93 10.32
C PRO A 808 -29.41 3.55 11.53
N VAL A 809 -30.16 4.34 12.26
CA VAL A 809 -29.72 4.96 13.48
C VAL A 809 -30.38 4.19 14.63
N ALA A 810 -29.58 3.82 15.63
CA ALA A 810 -30.09 3.16 16.82
C ALA A 810 -30.91 4.12 17.64
N ASP A 811 -32.14 3.71 17.92
CA ASP A 811 -33.04 4.45 18.77
C ASP A 811 -32.63 4.18 20.22
N GLU A 812 -32.04 5.20 20.84
CA GLU A 812 -31.38 5.05 22.13
C GLU A 812 -32.38 4.86 23.28
N LYS A 813 -33.66 5.23 23.07
CA LYS A 813 -34.72 4.85 24.02
C LYS A 813 -34.96 3.33 24.04
N ALA A 814 -34.75 2.67 22.90
CA ALA A 814 -34.90 1.20 22.80
C ALA A 814 -33.78 0.42 23.48
N MET A 815 -32.72 1.09 23.89
CA MET A 815 -31.53 0.41 24.37
C MET A 815 -31.32 0.41 25.87
N VAL A 816 -32.18 1.11 26.62
CA VAL A 816 -32.06 1.15 28.08
C VAL A 816 -32.28 -0.22 28.69
N GLU A 817 -31.43 -0.60 29.64
CA GLU A 817 -31.25 -2.00 30.03
C GLU A 817 -32.07 -2.43 31.26
N ASP A 818 -32.39 -1.49 32.14
CA ASP A 818 -33.21 -1.79 33.31
C ASP A 818 -32.42 -2.53 34.39
N SER A 819 -31.88 -3.70 34.03
CA SER A 819 -31.01 -4.50 34.89
C SER A 819 -29.64 -4.71 34.22
N THR A 820 -28.68 -5.24 34.98
CA THR A 820 -27.35 -5.59 34.47
C THR A 820 -26.87 -6.85 35.18
N LEU A 821 -26.04 -7.64 34.50
CA LEU A 821 -25.42 -8.83 35.08
C LEU A 821 -24.09 -8.47 35.73
N VAL A 822 -23.83 -9.05 36.90
CA VAL A 822 -22.58 -8.81 37.64
C VAL A 822 -21.95 -10.15 38.00
N VAL A 823 -20.66 -10.29 37.68
CA VAL A 823 -19.92 -11.53 37.95
C VAL A 823 -19.20 -11.45 39.29
N VAL A 824 -19.66 -12.24 40.27
CA VAL A 824 -19.05 -12.21 41.60
C VAL A 824 -17.87 -13.18 41.63
N GLN A 825 -16.69 -12.66 41.97
CA GLN A 825 -15.44 -13.43 42.00
C GLN A 825 -14.88 -13.48 43.42
N VAL A 826 -14.21 -14.58 43.74
CA VAL A 826 -13.47 -14.69 44.99
C VAL A 826 -12.05 -15.11 44.62
N ASN A 827 -11.08 -14.24 44.95
CA ASN A 827 -9.71 -14.38 44.47
C ASN A 827 -9.68 -14.50 42.95
N GLY A 828 -10.35 -13.55 42.28
CA GLY A 828 -10.33 -13.47 40.81
C GLY A 828 -11.15 -14.51 40.04
N LYS A 829 -11.48 -15.63 40.67
CA LYS A 829 -12.14 -16.75 39.97
C LYS A 829 -13.64 -16.75 40.25
N VAL A 830 -14.42 -16.74 39.17
CA VAL A 830 -15.87 -16.57 39.23
C VAL A 830 -16.56 -17.67 40.03
N ARG A 831 -17.41 -17.26 40.97
CA ARG A 831 -18.23 -18.19 41.76
C ARG A 831 -19.74 -17.98 41.54
N ALA A 832 -20.15 -16.77 41.17
CA ALA A 832 -21.57 -16.47 40.95
C ALA A 832 -21.77 -15.43 39.83
N LYS A 833 -23.00 -15.38 39.31
CA LYS A 833 -23.46 -14.37 38.36
C LYS A 833 -24.84 -13.89 38.78
N ILE A 834 -25.01 -12.58 38.99
CA ILE A 834 -26.25 -12.05 39.59
C ILE A 834 -26.76 -10.76 38.94
N THR A 835 -28.09 -10.58 38.97
CA THR A 835 -28.78 -9.52 38.23
C THR A 835 -29.26 -8.36 39.12
N VAL A 836 -28.64 -7.20 38.97
CA VAL A 836 -29.00 -6.01 39.72
C VAL A 836 -29.23 -4.85 38.77
N PRO A 837 -30.09 -3.92 39.17
CA PRO A 837 -30.42 -2.77 38.32
C PRO A 837 -29.24 -1.83 38.08
N VAL A 838 -29.25 -1.17 36.94
CA VAL A 838 -28.19 -0.22 36.60
C VAL A 838 -28.28 0.88 37.65
N ASP A 839 -29.48 1.01 38.16
CA ASP A 839 -29.88 1.98 39.18
C ASP A 839 -29.12 1.82 40.50
N ALA A 840 -28.83 0.57 40.86
CA ALA A 840 -28.29 0.22 42.19
C ALA A 840 -26.95 0.80 42.64
N THR A 841 -26.91 1.12 43.94
CA THR A 841 -25.74 1.63 44.67
C THR A 841 -24.78 0.50 45.03
N GLU A 842 -23.57 0.83 45.47
CA GLU A 842 -22.53 -0.18 45.73
C GLU A 842 -22.90 -1.17 46.81
N GLU A 843 -23.47 -0.67 47.91
CA GLU A 843 -23.95 -1.52 48.99
C GLU A 843 -24.99 -2.52 48.47
N GLN A 844 -25.99 -2.00 47.77
CA GLN A 844 -27.07 -2.83 47.25
C GLN A 844 -26.57 -3.99 46.40
N VAL A 845 -25.48 -3.78 45.66
CA VAL A 845 -24.90 -4.82 44.80
C VAL A 845 -24.13 -5.86 45.64
N ARG A 846 -23.53 -5.43 46.74
CA ARG A 846 -22.80 -6.34 47.61
C ARG A 846 -23.73 -7.03 48.61
N GLU A 847 -24.74 -6.28 49.05
CA GLU A 847 -25.87 -6.81 49.79
C GLU A 847 -26.44 -8.00 49.03
N ARG A 848 -26.81 -7.78 47.77
CA ARG A 848 -27.38 -8.85 46.94
C ARG A 848 -26.34 -9.96 46.75
N ALA A 849 -25.10 -9.58 46.42
CA ALA A 849 -23.99 -10.53 46.32
C ALA A 849 -23.91 -11.42 47.57
N GLY A 850 -24.01 -10.80 48.73
CA GLY A 850 -23.89 -11.49 50.02
C GLY A 850 -24.99 -12.49 50.28
N GLN A 851 -26.21 -12.19 49.82
CA GLN A 851 -27.36 -13.10 49.96
C GLN A 851 -27.18 -14.41 49.17
N GLU A 852 -26.33 -14.38 48.14
CA GLU A 852 -26.04 -15.55 47.30
C GLU A 852 -25.30 -16.63 48.10
N HIS A 853 -25.80 -17.88 48.06
CA HIS A 853 -25.34 -18.93 48.96
C HIS A 853 -23.95 -19.51 48.60
N LEU A 854 -23.60 -19.55 47.31
CA LEU A 854 -22.26 -20.00 46.93
C LEU A 854 -21.23 -18.91 47.22
N VAL A 855 -21.68 -17.65 47.19
CA VAL A 855 -20.90 -16.51 47.70
C VAL A 855 -20.80 -16.58 49.22
N ALA A 856 -21.86 -17.07 49.87
CA ALA A 856 -21.89 -17.22 51.34
C ALA A 856 -20.82 -18.19 51.86
N LYS A 857 -20.55 -19.26 51.12
CA LYS A 857 -19.53 -20.26 51.48
C LYS A 857 -18.10 -19.74 51.35
N TYR A 858 -17.89 -18.72 50.51
CA TYR A 858 -16.55 -18.17 50.26
C TYR A 858 -16.38 -16.75 50.78
N VAL A 867 -11.75 -5.83 48.45
CA VAL A 867 -13.10 -5.68 47.92
C VAL A 867 -13.16 -4.68 46.76
N ILE A 868 -13.26 -5.19 45.53
CA ILE A 868 -13.20 -4.37 44.29
C ILE A 868 -14.56 -4.38 43.58
N TYR A 869 -14.96 -3.24 43.03
CA TYR A 869 -16.26 -3.14 42.37
C TYR A 869 -16.21 -2.36 41.06
N VAL A 870 -16.74 -2.94 39.99
CA VAL A 870 -16.86 -2.24 38.72
C VAL A 870 -18.34 -2.13 38.48
N PRO A 871 -18.84 -0.92 38.27
CA PRO A 871 -20.29 -0.77 38.21
C PRO A 871 -20.93 -1.56 37.08
N GLY A 872 -21.92 -2.36 37.46
CA GLY A 872 -22.67 -3.17 36.53
C GLY A 872 -21.77 -4.14 35.78
N LYS A 873 -20.70 -4.60 36.40
CA LYS A 873 -19.80 -5.51 35.70
C LYS A 873 -19.27 -6.65 36.57
N LEU A 874 -18.42 -6.31 37.52
CA LEU A 874 -17.83 -7.33 38.37
C LEU A 874 -17.56 -6.91 39.80
N LEU A 875 -17.61 -7.87 40.71
CA LEU A 875 -17.25 -7.66 42.09
C LEU A 875 -16.29 -8.76 42.47
N ASN A 876 -15.13 -8.38 43.00
CA ASN A 876 -14.11 -9.34 43.41
C ASN A 876 -13.76 -9.21 44.88
N LEU A 877 -13.53 -10.35 45.53
CA LEU A 877 -13.24 -10.43 46.97
C LEU A 877 -11.94 -11.21 47.21
N VAL A 878 -10.90 -10.50 47.65
CA VAL A 878 -9.61 -11.13 47.98
C VAL A 878 -9.75 -11.80 49.37
N VAL A 879 -9.60 -13.12 49.40
CA VAL A 879 -10.06 -13.92 50.53
C VAL A 879 -9.22 -13.74 51.81
N GLY A 880 -9.88 -13.26 52.87
CA GLY A 880 -9.32 -13.22 54.21
C GLY A 880 -10.44 -13.51 55.21
O3P 365 B 87 25.04 7.88 5.31
B 365 B 87 31.70 6.10 7.72
P 365 B 87 25.01 6.41 5.61
N1 365 B 87 29.37 3.59 -0.28
O1 365 B 87 32.97 6.70 7.84
C2 365 B 87 29.45 2.83 0.83
N3 365 B 87 29.69 3.35 2.05
C4 365 B 87 29.85 4.67 2.15
C5 365 B 87 29.74 5.49 1.03
C6 365 B 87 29.50 4.92 -0.21
N6 365 B 87 29.40 5.70 -1.30
N7 365 B 87 29.92 6.76 1.41
C8 365 B 87 30.13 6.72 2.75
N9 365 B 87 30.09 5.45 3.20
C1' 365 B 87 30.30 4.94 4.57
C10 365 B 87 33.73 6.23 8.97
C11 365 B 87 32.77 5.38 9.69
C12 365 B 87 31.56 5.25 8.92
C13 365 B 87 32.96 4.72 10.88
C14 365 B 87 31.93 3.94 11.38
C15 365 B 87 30.73 3.80 10.67
C16 365 B 87 30.53 4.46 9.44
C17 365 B 87 34.88 5.36 8.49
N18 365 B 87 34.43 4.37 7.51
O19 365 B 87 29.34 4.30 8.77
O1P 365 B 87 24.01 5.89 6.64
C2' 365 B 87 31.14 5.87 5.41
O2' 365 B 87 31.75 5.25 6.57
C20 365 B 87 28.21 3.79 9.50
C21 365 B 87 27.06 3.54 8.54
C22 365 B 87 26.88 2.05 8.35
O23 365 B 87 25.47 1.79 8.26
C3' 365 B 87 30.14 6.79 6.02
O3' 365 B 87 30.68 7.03 7.30
C4' 365 B 87 28.85 5.97 6.07
O4' 365 B 87 29.09 4.79 5.29
C5' 365 B 87 27.62 6.66 5.54
O5' 365 B 87 26.48 5.86 5.88
#